data_3FJW
#
_entry.id   3FJW
#
_cell.length_a   73.141
_cell.length_b   92.762
_cell.length_c   113.278
_cell.angle_alpha   90.00
_cell.angle_beta   90.00
_cell.angle_gamma   90.00
#
_symmetry.space_group_name_H-M   'P 21 21 21'
#
loop_
_entity.id
_entity.type
_entity.pdbx_description
1 polymer 'Versatile peroxidase VPL2'
2 branched alpha-D-mannopyranose-(1-2)-beta-D-mannopyranose
3 non-polymer 'PROTOPORPHYRIN IX CONTAINING FE'
4 non-polymer 'CALCIUM ION'
5 non-polymer 'MANGANESE (II) ION'
6 non-polymer 2-acetamido-2-deoxy-beta-D-glucopyranose
7 non-polymer alpha-D-mannopyranose
8 water water
#
_entity_poly.entity_id   1
_entity_poly.type   'polypeptide(L)'
_entity_poly.pdbx_seq_one_letter_code
;ATCDDGRTTANAACCILFPILDDIQENLFDGAQCGEEVHESLRLTFHDAIGFSPTLGGGGADGSIIAFDTIETNFPANAG
IDEIVSAQKPFVAKHNISAGDFIQFAGAVGVSNCPGGVRIPFFLGRPDAVAASPDHLVPEPFDSVDSILARMGDAGFSPV
EVVWLLASHSIAAADKVDPSIPGTPFDSTPGVFDSQFFIETQLKGRLFPGTADNKGEAQSPLQGEIRLQSDHLLARDPQT
ACEWQSMVNNQPKIQNRFAATMSKMALLGQDKTKLIDCSDVIPTPPALVGAAHLPAGFSLSDVEQACAATPFPALTADPG
PVTSVPPVPGS
;
_entity_poly.pdbx_strand_id   A,B
#
loop_
_chem_comp.id
_chem_comp.type
_chem_comp.name
_chem_comp.formula
BMA D-saccharide, beta linking beta-D-mannopyranose 'C6 H12 O6'
CA non-polymer 'CALCIUM ION' 'Ca 2'
HEM non-polymer 'PROTOPORPHYRIN IX CONTAINING FE' 'C34 H32 Fe N4 O4'
MAN D-saccharide, alpha linking alpha-D-mannopyranose 'C6 H12 O6'
MN non-polymer 'MANGANESE (II) ION' 'Mn 2'
NAG D-saccharide, beta linking 2-acetamido-2-deoxy-beta-D-glucopyranose 'C8 H15 N O6'
#
# COMPACT_ATOMS: atom_id res chain seq x y z
N ALA A 1 -23.40 8.82 4.76
CA ALA A 1 -24.65 9.55 4.42
C ALA A 1 -24.81 9.69 2.92
N THR A 2 -26.06 9.71 2.45
CA THR A 2 -26.36 9.80 1.03
C THR A 2 -26.68 11.24 0.65
N CYS A 3 -25.91 11.80 -0.28
CA CYS A 3 -26.03 13.21 -0.64
C CYS A 3 -27.17 13.43 -1.64
N ASP A 4 -27.55 14.71 -1.83
CA ASP A 4 -28.71 15.08 -2.65
C ASP A 4 -28.67 14.52 -4.08
N ASP A 5 -27.60 13.81 -4.44
CA ASP A 5 -27.46 13.28 -5.80
C ASP A 5 -27.10 11.79 -5.84
N GLY A 6 -27.27 11.11 -4.71
CA GLY A 6 -27.09 9.67 -4.65
C GLY A 6 -25.69 9.25 -4.27
N ARG A 7 -24.72 10.11 -4.50
CA ARG A 7 -23.34 9.84 -4.10
C ARG A 7 -23.21 9.84 -2.57
N THR A 8 -22.37 8.95 -2.06
CA THR A 8 -22.28 8.73 -0.62
C THR A 8 -20.97 9.23 -0.04
N THR A 9 -20.92 9.38 1.28
CA THR A 9 -19.74 9.87 1.96
C THR A 9 -19.91 9.67 3.47
N ALA A 10 -18.84 9.31 4.16
CA ALA A 10 -18.90 8.99 5.59
C ALA A 10 -19.58 10.08 6.40
N ASN A 11 -19.07 11.31 6.29
CA ASN A 11 -19.68 12.46 6.96
C ASN A 11 -20.52 13.30 6.01
N ALA A 12 -21.60 13.88 6.53
CA ALA A 12 -22.61 14.54 5.68
C ALA A 12 -22.18 15.94 5.25
N ALA A 13 -21.31 16.57 6.04
CA ALA A 13 -20.70 17.86 5.67
C ALA A 13 -20.00 17.75 4.31
N CYS A 14 -19.34 16.63 4.07
CA CYS A 14 -18.51 16.48 2.90
C CYS A 14 -19.31 16.58 1.61
N CYS A 15 -20.63 16.38 1.70
CA CYS A 15 -21.51 16.46 0.50
C CYS A 15 -21.28 17.73 -0.33
N ILE A 16 -21.05 18.86 0.34
CA ILE A 16 -20.84 20.15 -0.34
C ILE A 16 -19.67 20.11 -1.32
N LEU A 17 -18.83 19.09 -1.19
CA LEU A 17 -17.62 18.98 -1.99
C LEU A 17 -17.88 18.40 -3.38
N PHE A 18 -18.98 17.66 -3.52
CA PHE A 18 -19.29 16.99 -4.80
C PHE A 18 -19.50 17.94 -5.99
N PRO A 19 -20.29 18.99 -5.82
CA PRO A 19 -20.42 19.98 -6.90
C PRO A 19 -19.06 20.61 -7.27
N ILE A 20 -18.23 20.87 -6.27
CA ILE A 20 -16.89 21.43 -6.50
C ILE A 20 -15.98 20.42 -7.21
N LEU A 21 -16.04 19.17 -6.77
CA LEU A 21 -15.35 18.09 -7.45
C LEU A 21 -15.61 18.19 -8.94
N ASP A 22 -16.87 18.15 -9.32
CA ASP A 22 -17.26 18.17 -10.72
C ASP A 22 -16.75 19.42 -11.41
N ASP A 23 -16.93 20.56 -10.76
CA ASP A 23 -16.59 21.82 -11.38
C ASP A 23 -15.14 21.83 -11.78
N ILE A 24 -14.27 21.38 -10.88
CA ILE A 24 -12.84 21.48 -11.10
C ILE A 24 -12.29 20.39 -12.05
N GLN A 25 -12.91 19.22 -12.02
CA GLN A 25 -12.58 18.18 -13.01
C GLN A 25 -12.95 18.61 -14.44
N GLU A 26 -14.15 19.14 -14.61
CA GLU A 26 -14.57 19.68 -15.89
C GLU A 26 -13.78 20.91 -16.28
N ASN A 27 -13.72 21.88 -15.38
CA ASN A 27 -13.39 23.25 -15.74
C ASN A 27 -12.00 23.70 -15.33
N LEU A 28 -11.35 22.92 -14.47
CA LEU A 28 -9.99 23.26 -14.05
C LEU A 28 -8.96 22.35 -14.67
N PHE A 29 -9.32 21.07 -14.83
CA PHE A 29 -8.32 20.03 -15.12
C PHE A 29 -8.47 19.39 -16.52
N ASP A 30 -9.09 20.09 -17.45
CA ASP A 30 -9.36 19.52 -18.80
C ASP A 30 -9.99 18.13 -18.71
N GLY A 31 -11.10 18.03 -18.00
CA GLY A 31 -11.78 16.75 -17.86
C GLY A 31 -10.89 15.67 -17.28
N ALA A 32 -10.38 15.91 -16.07
CA ALA A 32 -9.78 14.86 -15.23
C ALA A 32 -8.39 14.39 -15.70
N GLN A 33 -7.70 15.23 -16.47
CA GLN A 33 -6.37 14.87 -17.00
C GLN A 33 -5.25 15.21 -16.01
N CYS A 34 -4.15 14.47 -16.10
CA CYS A 34 -2.94 14.79 -15.33
C CYS A 34 -2.03 15.71 -16.14
N GLY A 35 -2.45 16.96 -16.32
CA GLY A 35 -1.69 17.92 -17.12
C GLY A 35 -1.24 19.15 -16.36
N GLU A 36 -1.06 20.26 -17.08
CA GLU A 36 -0.48 21.47 -16.53
C GLU A 36 -1.24 21.98 -15.30
N GLU A 37 -2.56 22.05 -15.41
CA GLU A 37 -3.36 22.67 -14.38
C GLU A 37 -3.28 21.86 -13.09
N VAL A 38 -3.30 20.54 -13.23
CA VAL A 38 -3.13 19.65 -12.09
C VAL A 38 -1.76 19.88 -11.46
N HIS A 39 -0.72 19.89 -12.28
CA HIS A 39 0.64 20.08 -11.81
C HIS A 39 0.77 21.38 -11.03
N GLU A 40 0.29 22.47 -11.62
CA GLU A 40 0.34 23.77 -10.95
C GLU A 40 -0.44 23.78 -9.63
N SER A 41 -1.59 23.11 -9.59
CA SER A 41 -2.43 23.11 -8.39
C SER A 41 -1.74 22.35 -7.26
N LEU A 42 -1.10 21.24 -7.61
CA LEU A 42 -0.25 20.52 -6.67
C LEU A 42 0.87 21.44 -6.12
N ARG A 43 1.52 22.16 -7.03
CA ARG A 43 2.57 23.08 -6.64
C ARG A 43 2.01 24.13 -5.68
N LEU A 44 0.78 24.53 -5.93
CA LEU A 44 0.14 25.55 -5.15
C LEU A 44 -0.11 25.14 -3.68
N THR A 45 -0.34 23.86 -3.44
CA THR A 45 -0.50 23.37 -2.06
C THR A 45 0.75 23.68 -1.24
N PHE A 46 1.90 23.61 -1.90
CA PHE A 46 3.17 23.72 -1.24
C PHE A 46 3.49 25.17 -0.98
N HIS A 47 3.32 26.00 -2.00
CA HIS A 47 3.62 27.42 -1.88
C HIS A 47 2.68 28.10 -0.90
N ASP A 48 1.50 27.54 -0.72
CA ASP A 48 0.61 28.00 0.31
C ASP A 48 1.08 27.55 1.69
N ALA A 49 1.19 26.23 1.86
CA ALA A 49 1.42 25.64 3.17
C ALA A 49 2.84 25.89 3.68
N ILE A 50 3.81 25.96 2.77
CA ILE A 50 5.20 26.16 3.17
C ILE A 50 5.39 27.54 3.77
N GLY A 51 4.40 28.42 3.56
CA GLY A 51 4.42 29.75 4.15
C GLY A 51 4.20 29.71 5.65
N PHE A 52 5.04 28.93 6.33
CA PHE A 52 4.86 28.67 7.75
C PHE A 52 6.21 28.58 8.43
N SER A 53 6.53 29.58 9.23
CA SER A 53 7.78 29.62 9.99
C SER A 53 7.50 30.10 11.43
N PRO A 54 7.94 29.31 12.43
CA PRO A 54 7.87 29.75 13.83
C PRO A 54 8.69 31.01 14.09
N THR A 55 9.66 31.25 13.22
CA THR A 55 10.56 32.36 13.38
C THR A 55 9.99 33.62 12.72
N LEU A 56 9.49 33.47 11.50
CA LEU A 56 9.07 34.63 10.69
C LEU A 56 7.55 34.78 10.60
N GLY A 57 6.82 33.69 10.80
CA GLY A 57 5.35 33.75 10.84
C GLY A 57 4.70 33.05 9.67
N GLY A 58 3.45 33.42 9.39
CA GLY A 58 2.66 32.75 8.36
C GLY A 58 1.74 31.69 8.96
N GLY A 59 0.57 31.51 8.34
CA GLY A 59 -0.43 30.57 8.83
C GLY A 59 -0.41 29.23 8.11
N GLY A 60 0.62 29.02 7.28
CA GLY A 60 0.81 27.74 6.62
C GLY A 60 -0.25 27.44 5.55
N ALA A 61 -0.93 26.31 5.71
CA ALA A 61 -1.93 25.89 4.73
C ALA A 61 -3.26 26.63 4.96
N ASP A 62 -3.26 27.92 4.63
CA ASP A 62 -4.36 28.79 5.08
C ASP A 62 -5.05 29.51 3.93
N GLY A 63 -4.58 29.27 2.70
CA GLY A 63 -5.15 29.91 1.54
C GLY A 63 -4.68 31.35 1.38
N SER A 64 -3.73 31.75 2.21
CA SER A 64 -3.16 33.10 2.14
C SER A 64 -2.67 33.46 0.71
N ILE A 65 -2.16 32.48 -0.01
CA ILE A 65 -1.58 32.75 -1.32
C ILE A 65 -2.64 33.28 -2.31
N ILE A 66 -3.91 32.99 -2.00
CA ILE A 66 -5.03 33.52 -2.78
C ILE A 66 -5.61 34.76 -2.09
N ALA A 67 -5.98 34.61 -0.82
CA ALA A 67 -6.48 35.73 -0.03
C ALA A 67 -5.57 36.97 -0.15
N PHE A 68 -4.27 36.77 -0.05
CA PHE A 68 -3.32 37.85 -0.10
C PHE A 68 -2.47 37.77 -1.36
N ASP A 69 -3.13 37.51 -2.49
CA ASP A 69 -2.45 37.18 -3.74
C ASP A 69 -1.62 38.34 -4.31
N THR A 70 -2.01 39.58 -4.02
CA THR A 70 -1.25 40.75 -4.46
C THR A 70 0.16 40.76 -3.85
N ILE A 71 0.24 40.43 -2.56
CA ILE A 71 1.53 40.28 -1.88
C ILE A 71 2.30 39.05 -2.38
N GLU A 72 1.74 37.88 -2.13
CA GLU A 72 2.49 36.64 -2.29
C GLU A 72 2.92 36.31 -3.74
N THR A 73 2.01 36.46 -4.71
CA THR A 73 2.37 36.15 -6.11
C THR A 73 3.51 37.06 -6.62
N ASN A 74 3.86 38.05 -5.81
CA ASN A 74 4.93 38.97 -6.16
C ASN A 74 6.27 38.67 -5.50
N PHE A 75 6.31 37.61 -4.71
CA PHE A 75 7.58 37.10 -4.22
C PHE A 75 8.33 36.45 -5.38
N PRO A 76 9.67 36.63 -5.41
CA PRO A 76 10.51 36.02 -6.44
C PRO A 76 10.30 34.51 -6.54
N ALA A 77 10.39 33.82 -5.40
CA ALA A 77 10.25 32.36 -5.36
C ALA A 77 8.86 31.89 -5.76
N ASN A 78 7.93 32.82 -5.94
CA ASN A 78 6.58 32.49 -6.41
C ASN A 78 6.38 32.79 -7.89
N ALA A 79 7.47 33.14 -8.58
CA ALA A 79 7.41 33.47 -10.00
C ALA A 79 6.61 32.42 -10.78
N GLY A 80 5.57 32.88 -11.48
CA GLY A 80 4.77 31.99 -12.32
C GLY A 80 3.53 31.46 -11.64
N ILE A 81 3.55 31.41 -10.32
CA ILE A 81 2.42 30.89 -9.55
C ILE A 81 1.13 31.75 -9.72
N ASP A 82 1.29 32.98 -10.20
CA ASP A 82 0.14 33.88 -10.38
C ASP A 82 -0.92 33.25 -11.30
N GLU A 83 -0.46 32.48 -12.29
CA GLU A 83 -1.34 31.90 -13.29
C GLU A 83 -2.41 30.99 -12.66
N ILE A 84 -1.97 30.00 -11.91
CA ILE A 84 -2.87 29.05 -11.31
C ILE A 84 -3.67 29.66 -10.14
N VAL A 85 -3.15 30.74 -9.56
CA VAL A 85 -3.89 31.46 -8.50
C VAL A 85 -5.07 32.21 -9.06
N SER A 86 -4.87 32.86 -10.20
CA SER A 86 -5.93 33.62 -10.81
C SER A 86 -6.91 32.70 -11.52
N ALA A 87 -6.47 31.47 -11.80
CA ALA A 87 -7.37 30.43 -12.33
C ALA A 87 -8.26 29.80 -11.26
N GLN A 88 -7.81 29.84 -10.01
CA GLN A 88 -8.53 29.18 -8.92
C GLN A 88 -9.43 30.14 -8.19
N LYS A 89 -9.04 31.41 -8.18
CA LYS A 89 -9.80 32.45 -7.47
C LYS A 89 -11.31 32.41 -7.77
N PRO A 90 -11.69 32.32 -9.06
CA PRO A 90 -13.11 32.28 -9.49
C PRO A 90 -13.88 31.09 -8.88
N PHE A 91 -13.20 29.94 -8.75
CA PHE A 91 -13.81 28.78 -8.14
C PHE A 91 -14.10 29.06 -6.67
N VAL A 92 -13.20 29.79 -6.03
CA VAL A 92 -13.32 30.10 -4.62
C VAL A 92 -14.46 31.10 -4.40
N ALA A 93 -14.52 32.11 -5.26
CA ALA A 93 -15.68 32.99 -5.32
C ALA A 93 -16.96 32.15 -5.42
N LYS A 94 -17.03 31.34 -6.47
CA LYS A 94 -18.23 30.59 -6.82
C LYS A 94 -18.73 29.72 -5.66
N HIS A 95 -17.84 28.89 -5.12
CA HIS A 95 -18.25 27.86 -4.17
C HIS A 95 -18.14 28.31 -2.71
N ASN A 96 -18.69 27.52 -1.82
CA ASN A 96 -18.86 27.93 -0.44
C ASN A 96 -17.91 27.18 0.48
N ILE A 97 -16.62 27.28 0.19
CA ILE A 97 -15.58 26.82 1.10
C ILE A 97 -14.39 27.78 1.08
N SER A 98 -13.59 27.77 2.14
CA SER A 98 -12.49 28.70 2.28
C SER A 98 -11.40 28.43 1.25
N ALA A 99 -10.62 29.46 0.93
CA ALA A 99 -9.53 29.35 -0.04
C ALA A 99 -8.52 28.30 0.40
N GLY A 100 -8.30 28.22 1.70
CA GLY A 100 -7.36 27.25 2.26
C GLY A 100 -7.78 25.83 1.96
N ASP A 101 -9.06 25.53 2.21
CA ASP A 101 -9.63 24.22 1.91
C ASP A 101 -9.54 23.87 0.44
N PHE A 102 -9.82 24.85 -0.42
CA PHE A 102 -9.91 24.62 -1.85
C PHE A 102 -8.57 24.21 -2.45
N ILE A 103 -7.53 24.93 -2.10
CA ILE A 103 -6.20 24.64 -2.60
C ILE A 103 -5.83 23.19 -2.31
N GLN A 104 -5.99 22.78 -1.04
CA GLN A 104 -5.68 21.44 -0.67
C GLN A 104 -6.59 20.46 -1.39
N PHE A 105 -7.88 20.79 -1.49
CA PHE A 105 -8.86 19.93 -2.16
C PHE A 105 -8.50 19.72 -3.64
N ALA A 106 -8.31 20.82 -4.36
CA ALA A 106 -7.95 20.77 -5.76
C ALA A 106 -6.68 19.96 -6.00
N GLY A 107 -5.66 20.20 -5.18
CA GLY A 107 -4.43 19.45 -5.28
C GLY A 107 -4.65 17.95 -5.05
N ALA A 108 -5.56 17.61 -4.15
CA ALA A 108 -5.87 16.21 -3.86
C ALA A 108 -6.62 15.55 -5.04
N VAL A 109 -7.63 16.24 -5.56
CA VAL A 109 -8.32 15.79 -6.76
C VAL A 109 -7.32 15.63 -7.91
N GLY A 110 -6.45 16.63 -8.08
CA GLY A 110 -5.48 16.63 -9.18
C GLY A 110 -4.58 15.41 -9.20
N VAL A 111 -3.96 15.12 -8.06
CA VAL A 111 -3.04 13.99 -7.97
C VAL A 111 -3.75 12.71 -8.33
N SER A 112 -5.01 12.59 -7.91
CA SER A 112 -5.79 11.38 -8.11
C SER A 112 -6.09 11.11 -9.60
N ASN A 113 -5.83 12.11 -10.44
CA ASN A 113 -6.01 11.93 -11.89
C ASN A 113 -4.76 11.35 -12.57
N CYS A 114 -3.71 11.17 -11.79
CA CYS A 114 -2.45 10.71 -12.34
C CYS A 114 -2.25 9.21 -12.11
N PRO A 115 -2.01 8.47 -13.20
CA PRO A 115 -1.71 7.05 -13.12
C PRO A 115 -0.60 6.78 -12.11
N GLY A 116 -0.88 5.94 -11.13
CA GLY A 116 0.08 5.62 -10.12
C GLY A 116 -0.02 6.55 -8.94
N GLY A 117 -0.91 7.51 -9.02
CA GLY A 117 -1.12 8.48 -7.94
C GLY A 117 -1.86 7.90 -6.74
N VAL A 118 -2.30 8.78 -5.85
CA VAL A 118 -2.85 8.36 -4.55
C VAL A 118 -3.90 9.36 -4.06
N ARG A 119 -4.77 8.89 -3.14
CA ARG A 119 -5.74 9.77 -2.48
C ARG A 119 -5.12 10.41 -1.26
N ILE A 120 -4.64 11.64 -1.42
CA ILE A 120 -4.16 12.43 -0.30
C ILE A 120 -5.33 12.70 0.64
N PRO A 121 -5.19 12.31 1.92
CA PRO A 121 -6.25 12.55 2.93
C PRO A 121 -6.63 14.02 2.97
N PHE A 122 -7.93 14.30 2.95
CA PHE A 122 -8.40 15.70 2.90
C PHE A 122 -9.39 16.05 4.00
N PHE A 123 -9.10 17.15 4.70
CA PHE A 123 -9.96 17.62 5.76
C PHE A 123 -10.62 18.93 5.39
N LEU A 124 -11.78 19.18 5.99
CA LEU A 124 -12.63 20.29 5.61
C LEU A 124 -12.86 21.19 6.79
N GLY A 125 -12.73 22.49 6.59
CA GLY A 125 -13.11 23.46 7.61
C GLY A 125 -12.00 24.40 8.10
N ARG A 126 -11.01 24.65 7.26
CA ARG A 126 -10.00 25.70 7.55
C ARG A 126 -10.66 27.09 7.58
N PRO A 127 -10.48 27.83 8.70
CA PRO A 127 -10.88 29.24 8.73
C PRO A 127 -10.15 30.05 7.65
N ASP A 128 -10.63 31.26 7.38
CA ASP A 128 -9.96 32.14 6.44
C ASP A 128 -8.55 32.46 6.91
N ALA A 129 -7.65 32.67 5.96
CA ALA A 129 -6.32 33.25 6.27
C ALA A 129 -6.47 34.57 7.02
N VAL A 130 -5.63 34.79 8.02
CA VAL A 130 -5.69 36.03 8.82
C VAL A 130 -4.43 36.88 8.67
N ALA A 131 -3.51 36.41 7.83
CA ALA A 131 -2.27 37.14 7.54
C ALA A 131 -1.58 36.57 6.29
N ALA A 132 -0.90 37.43 5.55
CA ALA A 132 -0.09 36.98 4.44
C ALA A 132 1.12 36.24 4.95
N SER A 133 1.76 35.46 4.09
CA SER A 133 3.05 34.86 4.44
C SER A 133 4.14 35.92 4.41
N PRO A 134 5.14 35.78 5.28
CA PRO A 134 6.37 36.50 5.09
C PRO A 134 7.04 36.03 3.81
N ASP A 135 7.88 36.87 3.23
CA ASP A 135 8.72 36.44 2.14
C ASP A 135 9.88 35.58 2.64
N HIS A 136 10.59 34.97 1.70
CA HIS A 136 11.77 34.16 2.03
C HIS A 136 11.42 32.88 2.74
N LEU A 137 10.20 32.39 2.55
CA LEU A 137 9.80 31.11 3.14
C LEU A 137 9.68 29.98 2.14
N VAL A 138 9.60 30.31 0.85
CA VAL A 138 9.57 29.30 -0.22
C VAL A 138 10.97 28.97 -0.70
N PRO A 139 11.40 27.69 -0.53
CA PRO A 139 12.69 27.23 -1.01
C PRO A 139 12.87 27.50 -2.49
N GLU A 140 14.03 28.02 -2.86
CA GLU A 140 14.37 28.30 -4.25
C GLU A 140 15.34 27.25 -4.81
N PRO A 141 15.27 26.98 -6.12
CA PRO A 141 16.02 25.88 -6.75
C PRO A 141 17.52 26.07 -6.68
N PHE A 142 17.96 27.27 -6.31
CA PHE A 142 19.40 27.57 -6.24
C PHE A 142 19.90 27.69 -4.80
N ASP A 143 19.07 27.28 -3.85
CA ASP A 143 19.47 27.25 -2.44
C ASP A 143 20.25 25.99 -2.12
N SER A 144 21.12 26.07 -1.10
CA SER A 144 21.93 24.93 -0.70
C SER A 144 21.10 23.88 0.06
N VAL A 145 21.53 22.62 -0.02
CA VAL A 145 20.85 21.55 0.70
C VAL A 145 20.58 21.96 2.16
N ASP A 146 21.63 22.39 2.86
CA ASP A 146 21.49 22.84 4.25
C ASP A 146 20.44 23.91 4.40
N SER A 147 20.54 24.93 3.55
CA SER A 147 19.57 25.99 3.53
C SER A 147 18.15 25.45 3.40
N ILE A 148 17.96 24.52 2.45
CA ILE A 148 16.64 23.95 2.19
C ILE A 148 16.16 23.01 3.32
N LEU A 149 17.06 22.14 3.79
CA LEU A 149 16.70 21.20 4.84
C LEU A 149 16.35 21.91 6.16
N ALA A 150 17.09 22.98 6.46
CA ALA A 150 16.78 23.82 7.61
C ALA A 150 15.41 24.51 7.47
N ARG A 151 15.12 24.99 6.26
CA ARG A 151 13.83 25.67 6.01
C ARG A 151 12.64 24.71 6.19
N MET A 152 12.73 23.55 5.54
CA MET A 152 11.73 22.50 5.71
C MET A 152 11.64 22.06 7.18
N GLY A 153 12.79 22.01 7.85
CA GLY A 153 12.85 21.60 9.25
C GLY A 153 12.20 22.61 10.17
N ASP A 154 12.46 23.89 9.90
CA ASP A 154 11.80 24.97 10.60
C ASP A 154 10.28 24.80 10.53
N ALA A 155 9.81 24.21 9.42
CA ALA A 155 8.37 24.04 9.18
C ALA A 155 7.83 22.72 9.72
N GLY A 156 8.73 21.80 10.08
CA GLY A 156 8.34 20.54 10.74
C GLY A 156 8.66 19.27 9.96
N PHE A 157 9.45 19.40 8.90
CA PHE A 157 9.80 18.25 8.06
C PHE A 157 11.24 17.81 8.24
N SER A 158 11.42 16.55 8.59
CA SER A 158 12.75 15.94 8.62
C SER A 158 13.30 15.82 7.20
N PRO A 159 14.62 15.62 7.08
CA PRO A 159 15.22 15.42 5.77
C PRO A 159 14.50 14.34 4.91
N VAL A 160 14.25 13.16 5.50
CA VAL A 160 13.61 12.08 4.72
C VAL A 160 12.22 12.50 4.21
N GLU A 161 11.55 13.38 4.94
CA GLU A 161 10.20 13.84 4.56
C GLU A 161 10.24 14.75 3.33
N VAL A 162 11.33 15.49 3.19
CA VAL A 162 11.56 16.32 2.03
C VAL A 162 11.68 15.46 0.77
N VAL A 163 12.39 14.33 0.88
CA VAL A 163 12.49 13.39 -0.23
C VAL A 163 11.10 12.87 -0.62
N TRP A 164 10.33 12.45 0.37
CA TRP A 164 8.99 11.94 0.12
C TRP A 164 8.10 12.96 -0.61
N LEU A 165 8.12 14.21 -0.15
CA LEU A 165 7.34 15.28 -0.78
C LEU A 165 7.76 15.53 -2.22
N LEU A 166 9.07 15.40 -2.48
CA LEU A 166 9.62 15.69 -3.79
C LEU A 166 9.28 14.59 -4.80
N ALA A 167 8.46 13.62 -4.38
CA ALA A 167 7.85 12.70 -5.33
C ALA A 167 6.96 13.49 -6.26
N SER A 168 6.39 14.58 -5.72
CA SER A 168 5.61 15.52 -6.52
C SER A 168 6.30 15.89 -7.87
N HIS A 169 7.63 15.91 -7.88
CA HIS A 169 8.37 16.33 -9.09
C HIS A 169 8.37 15.25 -10.18
N SER A 170 7.79 14.10 -9.88
CA SER A 170 7.55 13.09 -10.89
C SER A 170 6.42 13.49 -11.83
N ILE A 171 5.65 14.51 -11.47
CA ILE A 171 4.55 14.98 -12.31
C ILE A 171 4.56 16.50 -12.40
N ALA A 172 5.62 17.05 -12.98
CA ALA A 172 5.95 18.44 -12.79
C ALA A 172 6.79 18.96 -13.92
N ALA A 173 6.63 20.24 -14.23
CA ALA A 173 7.46 20.91 -15.23
C ALA A 173 7.83 22.33 -14.77
N ALA A 174 8.74 22.97 -15.50
CA ALA A 174 9.17 24.32 -15.17
C ALA A 174 8.86 25.29 -16.30
N ASP A 175 8.37 26.48 -15.95
CA ASP A 175 8.03 27.51 -16.94
C ASP A 175 8.92 28.73 -16.81
N LYS A 176 9.53 28.89 -15.64
CA LYS A 176 10.24 30.12 -15.32
C LYS A 176 11.75 29.92 -15.22
N VAL A 177 12.19 28.68 -14.96
CA VAL A 177 13.62 28.38 -14.83
C VAL A 177 14.32 28.70 -16.14
N ASP A 178 13.72 28.26 -17.24
CA ASP A 178 14.16 28.64 -18.57
C ASP A 178 12.94 29.02 -19.38
N PRO A 179 12.59 30.33 -19.39
CA PRO A 179 11.36 30.84 -20.03
C PRO A 179 11.37 30.63 -21.55
N SER A 180 12.50 30.20 -22.10
CA SER A 180 12.58 29.88 -23.50
C SER A 180 11.93 28.51 -23.78
N ILE A 181 11.84 27.68 -22.75
CA ILE A 181 11.23 26.34 -22.90
C ILE A 181 10.21 26.02 -21.80
N PRO A 182 9.09 26.76 -21.78
CA PRO A 182 8.03 26.46 -20.83
C PRO A 182 7.55 25.03 -21.00
N GLY A 183 7.10 24.43 -19.92
CA GLY A 183 6.50 23.09 -19.98
C GLY A 183 7.51 21.96 -19.93
N THR A 184 8.78 22.28 -19.70
CA THR A 184 9.83 21.26 -19.63
C THR A 184 9.81 20.51 -18.27
N PRO A 185 9.50 19.20 -18.31
CA PRO A 185 9.26 18.40 -17.12
C PRO A 185 10.53 17.97 -16.40
N PHE A 186 10.38 17.53 -15.16
CA PHE A 186 11.50 17.09 -14.37
C PHE A 186 11.88 15.63 -14.62
N ASP A 187 10.90 14.81 -14.97
CA ASP A 187 11.19 13.46 -15.51
C ASP A 187 10.42 13.17 -16.79
N SER A 188 10.70 12.03 -17.40
CA SER A 188 10.25 11.78 -18.76
C SER A 188 8.81 11.35 -18.79
N THR A 189 8.14 11.43 -17.64
CA THR A 189 6.73 11.02 -17.53
C THR A 189 5.94 11.99 -16.65
N PRO A 190 5.81 13.24 -17.09
CA PRO A 190 5.11 14.27 -16.32
C PRO A 190 3.67 13.88 -16.05
N GLY A 191 3.16 12.93 -16.83
CA GLY A 191 1.75 12.50 -16.69
C GLY A 191 1.55 11.23 -15.86
N VAL A 192 2.63 10.72 -15.26
CA VAL A 192 2.57 9.49 -14.47
C VAL A 192 3.31 9.62 -13.13
N PHE A 193 2.60 9.26 -12.04
CA PHE A 193 3.19 9.33 -10.71
C PHE A 193 4.05 8.11 -10.45
N ASP A 194 5.29 8.19 -10.88
CA ASP A 194 6.15 7.03 -10.85
C ASP A 194 7.54 7.39 -10.30
N SER A 195 8.48 6.44 -10.40
CA SER A 195 9.80 6.61 -9.79
C SER A 195 10.80 7.26 -10.75
N GLN A 196 10.39 7.44 -12.00
CA GLN A 196 11.30 7.95 -13.04
C GLN A 196 12.08 9.17 -12.58
N PHE A 197 11.45 10.01 -11.76
CA PHE A 197 12.08 11.24 -11.29
C PHE A 197 13.29 10.94 -10.40
N PHE A 198 13.13 10.02 -9.47
CA PHE A 198 14.22 9.65 -8.58
C PHE A 198 15.29 8.90 -9.33
N ILE A 199 14.90 8.29 -10.44
CA ILE A 199 15.82 7.58 -11.28
C ILE A 199 16.65 8.55 -12.10
N GLU A 200 15.97 9.43 -12.81
CA GLU A 200 16.61 10.21 -13.84
C GLU A 200 17.45 11.34 -13.27
N THR A 201 17.09 11.80 -12.06
CA THR A 201 17.88 12.82 -11.36
C THR A 201 19.24 12.29 -10.87
N GLN A 202 19.45 10.97 -10.93
CA GLN A 202 20.68 10.35 -10.44
C GLN A 202 21.72 10.13 -11.57
N LEU A 203 21.32 10.41 -12.81
CA LEU A 203 22.19 10.20 -13.97
C LEU A 203 23.21 11.34 -14.10
N LYS A 204 24.36 11.04 -14.71
CA LYS A 204 25.31 12.09 -15.09
C LYS A 204 24.68 12.98 -16.12
N GLY A 205 24.80 14.28 -15.94
CA GLY A 205 24.25 15.21 -16.89
C GLY A 205 24.91 15.05 -18.23
N ARG A 206 24.19 15.43 -19.29
CA ARG A 206 24.75 15.39 -20.63
C ARG A 206 24.72 16.76 -21.30
N LEU A 207 23.67 17.53 -21.03
CA LEU A 207 23.34 18.67 -21.86
C LEU A 207 22.48 19.68 -21.12
N PHE A 208 22.20 20.81 -21.79
CA PHE A 208 21.20 21.77 -21.30
C PHE A 208 20.07 21.90 -22.31
N PRO A 209 18.83 21.67 -21.87
CA PRO A 209 17.65 21.58 -22.74
C PRO A 209 17.33 22.89 -23.48
N GLY A 210 17.65 24.02 -22.86
CA GLY A 210 17.46 25.32 -23.49
C GLY A 210 18.75 26.10 -23.54
N THR A 211 18.79 27.19 -22.80
CA THR A 211 20.04 27.91 -22.58
C THR A 211 20.76 27.34 -21.35
N ALA A 212 22.04 27.66 -21.20
CA ALA A 212 22.88 27.03 -20.16
C ALA A 212 23.11 27.92 -18.94
N ASP A 213 22.84 29.22 -19.10
CA ASP A 213 23.22 30.21 -18.08
C ASP A 213 22.08 30.53 -17.09
N ASN A 214 21.32 29.51 -16.71
CA ASN A 214 20.14 29.70 -15.84
C ASN A 214 20.44 29.48 -14.37
N LYS A 215 20.09 30.47 -13.55
CA LYS A 215 20.08 30.31 -12.11
C LYS A 215 19.22 29.12 -11.72
N GLY A 216 19.79 28.21 -10.90
CA GLY A 216 19.00 27.14 -10.27
C GLY A 216 18.78 25.92 -11.15
N GLU A 217 19.52 25.84 -12.26
CA GLU A 217 19.41 24.70 -13.16
C GLU A 217 20.71 23.93 -13.24
N ALA A 218 20.61 22.61 -13.13
CA ALA A 218 21.76 21.74 -13.35
C ALA A 218 21.71 21.12 -14.74
N GLN A 219 22.83 20.56 -15.16
CA GLN A 219 22.89 19.86 -16.42
C GLN A 219 21.94 18.69 -16.41
N SER A 220 21.22 18.51 -17.51
CA SER A 220 20.23 17.46 -17.63
C SER A 220 20.85 16.23 -18.30
N PRO A 221 20.31 15.04 -17.98
CA PRO A 221 20.69 13.82 -18.70
C PRO A 221 19.99 13.65 -20.05
N LEU A 222 18.85 14.32 -20.23
CA LEU A 222 17.99 14.08 -21.42
C LEU A 222 17.49 15.36 -22.09
N GLN A 223 17.46 15.34 -23.42
CA GLN A 223 16.84 16.39 -24.19
C GLN A 223 15.35 16.47 -23.86
N GLY A 224 14.88 17.65 -23.49
CA GLY A 224 13.48 17.83 -23.19
C GLY A 224 13.17 17.68 -21.71
N GLU A 225 14.22 17.57 -20.90
CA GLU A 225 14.08 17.48 -19.46
C GLU A 225 14.94 18.51 -18.75
N ILE A 226 14.38 19.22 -17.79
CA ILE A 226 15.14 20.17 -16.98
C ILE A 226 15.51 19.53 -15.63
N ARG A 227 16.68 19.88 -15.11
CA ARG A 227 17.10 19.44 -13.77
C ARG A 227 17.33 20.62 -12.83
N LEU A 228 16.52 20.69 -11.78
CA LEU A 228 16.74 21.68 -10.73
C LEU A 228 18.04 21.38 -9.98
N GLN A 229 18.83 22.41 -9.73
CA GLN A 229 20.10 22.24 -8.99
C GLN A 229 19.83 21.68 -7.59
N SER A 230 18.71 22.09 -7.00
CA SER A 230 18.30 21.61 -5.69
C SER A 230 18.13 20.09 -5.68
N ASP A 231 17.43 19.57 -6.69
CA ASP A 231 17.11 18.14 -6.77
C ASP A 231 18.39 17.35 -7.02
N HIS A 232 19.25 17.93 -7.83
CA HIS A 232 20.58 17.41 -8.10
C HIS A 232 21.41 17.29 -6.79
N LEU A 233 21.34 18.32 -5.94
CA LEU A 233 22.07 18.30 -4.66
C LEU A 233 21.44 17.33 -3.65
N LEU A 234 20.12 17.37 -3.55
CA LEU A 234 19.39 16.51 -2.61
C LEU A 234 19.54 15.04 -2.94
N ALA A 235 19.62 14.71 -4.22
CA ALA A 235 19.71 13.32 -4.65
C ALA A 235 21.09 12.72 -4.32
N ARG A 236 22.05 13.59 -4.00
CA ARG A 236 23.44 13.17 -3.77
C ARG A 236 23.94 13.46 -2.37
N ASP A 237 23.15 14.21 -1.60
CA ASP A 237 23.58 14.64 -0.27
C ASP A 237 23.51 13.51 0.75
N PRO A 238 24.57 13.39 1.59
CA PRO A 238 24.72 12.38 2.63
C PRO A 238 23.44 12.14 3.45
N GLN A 239 22.72 13.20 3.75
CA GLN A 239 21.51 13.10 4.59
C GLN A 239 20.33 12.51 3.84
N THR A 240 20.39 12.57 2.50
CA THR A 240 19.22 12.30 1.69
C THR A 240 19.48 11.29 0.56
N ALA A 241 20.75 11.15 0.18
CA ALA A 241 21.14 10.21 -0.88
C ALA A 241 20.41 8.87 -0.80
N CYS A 242 20.54 8.20 0.33
CA CYS A 242 20.01 6.84 0.46
C CYS A 242 18.48 6.79 0.50
N GLU A 243 17.85 7.81 1.05
CA GLU A 243 16.40 7.94 0.98
C GLU A 243 15.95 8.15 -0.47
N TRP A 244 16.63 9.05 -1.17
CA TRP A 244 16.35 9.31 -2.58
C TRP A 244 16.37 8.02 -3.44
N GLN A 245 17.42 7.23 -3.27
CA GLN A 245 17.60 6.00 -4.03
C GLN A 245 16.60 4.92 -3.56
N SER A 246 16.24 4.96 -2.27
CA SER A 246 15.25 4.03 -1.73
C SER A 246 13.92 4.11 -2.49
N MET A 247 13.65 5.27 -3.10
CA MET A 247 12.40 5.50 -3.81
C MET A 247 12.39 4.84 -5.19
N VAL A 248 13.59 4.52 -5.70
CA VAL A 248 13.73 4.00 -7.08
C VAL A 248 13.09 2.62 -7.28
N ASN A 249 12.24 2.50 -8.29
CA ASN A 249 11.43 1.28 -8.48
C ASN A 249 10.80 0.81 -7.17
N ASN A 250 10.08 1.71 -6.52
CA ASN A 250 9.50 1.43 -5.24
C ASN A 250 8.18 2.18 -5.07
N GLN A 251 7.21 1.80 -5.89
CA GLN A 251 6.00 2.58 -6.05
C GLN A 251 5.15 2.65 -4.75
N PRO A 252 5.10 1.53 -3.98
CA PRO A 252 4.38 1.52 -2.70
C PRO A 252 4.93 2.55 -1.71
N LYS A 253 6.22 2.77 -1.72
CA LYS A 253 6.84 3.70 -0.80
C LYS A 253 6.56 5.14 -1.25
N ILE A 254 6.71 5.39 -2.55
CA ILE A 254 6.33 6.67 -3.14
C ILE A 254 4.88 6.97 -2.84
N GLN A 255 4.02 5.97 -3.00
CA GLN A 255 2.57 6.15 -2.86
C GLN A 255 2.15 6.41 -1.42
N ASN A 256 2.50 5.50 -0.52
CA ASN A 256 2.13 5.62 0.88
C ASN A 256 2.73 6.84 1.57
N ARG A 257 4.03 7.06 1.35
CA ARG A 257 4.74 8.16 2.03
C ARG A 257 4.33 9.52 1.52
N PHE A 258 4.29 9.66 0.20
CA PHE A 258 3.83 10.91 -0.39
C PHE A 258 2.49 11.32 0.19
N ALA A 259 1.54 10.40 0.14
CA ALA A 259 0.21 10.65 0.62
C ALA A 259 0.23 11.09 2.09
N ALA A 260 0.94 10.34 2.93
CA ALA A 260 0.97 10.60 4.36
C ALA A 260 1.61 11.96 4.70
N THR A 261 2.71 12.28 4.04
CA THR A 261 3.41 13.53 4.30
C THR A 261 2.71 14.73 3.68
N MET A 262 2.09 14.52 2.52
CA MET A 262 1.26 15.58 1.92
C MET A 262 0.13 15.97 2.88
N SER A 263 -0.40 14.97 3.58
CA SER A 263 -1.49 15.18 4.52
C SER A 263 -1.03 16.05 5.67
N LYS A 264 0.17 15.78 6.16
CA LYS A 264 0.81 16.60 7.15
C LYS A 264 0.97 18.02 6.62
N MET A 265 1.48 18.16 5.40
CA MET A 265 1.70 19.48 4.81
C MET A 265 0.39 20.27 4.70
N ALA A 266 -0.67 19.59 4.26
CA ALA A 266 -1.96 20.23 4.06
C ALA A 266 -2.56 20.75 5.37
N LEU A 267 -2.03 20.26 6.49
CA LEU A 267 -2.57 20.60 7.80
C LEU A 267 -1.62 21.47 8.62
N LEU A 268 -0.75 22.20 7.93
CA LEU A 268 0.12 23.15 8.60
C LEU A 268 -0.67 24.35 9.03
N GLY A 269 -0.50 24.74 10.29
CA GLY A 269 -1.21 25.89 10.85
C GLY A 269 -2.67 25.59 11.12
N GLN A 270 -2.98 24.30 11.22
CA GLN A 270 -4.36 23.85 11.37
C GLN A 270 -4.47 22.79 12.45
N ASP A 271 -5.63 22.70 13.08
CA ASP A 271 -5.89 21.65 14.06
C ASP A 271 -6.79 20.55 13.48
N LYS A 272 -6.21 19.36 13.29
CA LYS A 272 -6.94 18.23 12.70
C LYS A 272 -8.22 17.93 13.44
N THR A 273 -8.23 18.24 14.73
CA THR A 273 -9.35 17.88 15.57
C THR A 273 -10.53 18.85 15.43
N LYS A 274 -10.29 20.02 14.83
CA LYS A 274 -11.38 20.98 14.56
C LYS A 274 -11.83 20.91 13.10
N LEU A 275 -11.27 19.95 12.35
CA LEU A 275 -11.62 19.77 10.94
C LEU A 275 -12.50 18.54 10.72
N ILE A 276 -12.92 18.33 9.46
CA ILE A 276 -13.76 17.17 9.13
C ILE A 276 -13.16 16.32 8.03
N ASP A 277 -12.99 15.04 8.31
CA ASP A 277 -12.45 14.11 7.35
C ASP A 277 -13.39 13.93 6.15
N CYS A 278 -12.87 14.20 4.95
CA CYS A 278 -13.66 14.13 3.72
C CYS A 278 -12.89 13.39 2.66
N SER A 279 -12.04 12.46 3.09
CA SER A 279 -11.03 11.86 2.22
C SER A 279 -11.65 10.94 1.18
N ASP A 280 -12.88 10.53 1.41
CA ASP A 280 -13.55 9.56 0.53
C ASP A 280 -14.23 10.24 -0.65
N VAL A 281 -14.16 11.56 -0.69
CA VAL A 281 -14.68 12.31 -1.80
C VAL A 281 -13.68 12.25 -2.94
N ILE A 282 -12.40 12.27 -2.60
CA ILE A 282 -11.35 12.19 -3.60
C ILE A 282 -11.55 10.96 -4.49
N PRO A 283 -11.48 11.15 -5.82
CA PRO A 283 -11.68 10.02 -6.75
C PRO A 283 -10.63 8.93 -6.56
N THR A 284 -10.92 7.74 -7.05
CA THR A 284 -9.96 6.66 -7.04
C THR A 284 -8.96 6.85 -8.17
N PRO A 285 -7.67 6.86 -7.83
CA PRO A 285 -6.59 7.01 -8.80
C PRO A 285 -6.47 5.78 -9.70
N PRO A 286 -5.94 5.97 -10.92
CA PRO A 286 -5.60 4.87 -11.82
C PRO A 286 -4.33 4.17 -11.37
N ALA A 287 -4.20 2.89 -11.70
CA ALA A 287 -3.00 2.15 -11.33
C ALA A 287 -1.76 2.65 -12.10
N LEU A 288 -0.58 2.34 -11.59
CA LEU A 288 0.66 2.74 -12.24
C LEU A 288 0.73 2.19 -13.64
N VAL A 289 1.15 3.02 -14.57
CA VAL A 289 1.36 2.61 -15.94
C VAL A 289 2.87 2.72 -16.27
N GLY A 290 3.38 1.74 -17.00
CA GLY A 290 4.83 1.67 -17.26
C GLY A 290 5.61 1.11 -16.09
N ALA A 291 6.83 0.66 -16.35
CA ALA A 291 7.69 0.13 -15.30
C ALA A 291 9.06 0.86 -15.23
N ALA A 292 9.70 0.82 -14.05
CA ALA A 292 10.96 1.55 -13.84
C ALA A 292 12.04 1.15 -14.82
N HIS A 293 12.79 2.13 -15.29
CA HIS A 293 13.79 1.90 -16.31
C HIS A 293 14.76 3.07 -16.41
N LEU A 294 16.00 2.78 -16.82
CA LEU A 294 16.90 3.81 -17.35
C LEU A 294 16.44 4.21 -18.74
N PRO A 295 16.63 5.48 -19.10
CA PRO A 295 16.24 5.98 -20.43
C PRO A 295 16.95 5.21 -21.56
N ALA A 296 16.35 5.19 -22.74
CA ALA A 296 16.92 4.45 -23.86
C ALA A 296 18.33 4.96 -24.12
N GLY A 297 19.25 4.03 -24.36
CA GLY A 297 20.64 4.38 -24.64
C GLY A 297 21.52 4.41 -23.39
N PHE A 298 20.89 4.56 -22.23
CA PHE A 298 21.64 4.70 -20.97
C PHE A 298 22.03 3.34 -20.37
N SER A 299 22.88 3.37 -19.34
CA SER A 299 23.20 2.17 -18.58
C SER A 299 23.57 2.49 -17.13
N LEU A 300 24.01 1.47 -16.42
CA LEU A 300 24.21 1.59 -15.00
C LEU A 300 25.41 2.46 -14.68
N SER A 301 26.26 2.70 -15.66
CA SER A 301 27.45 3.49 -15.46
C SER A 301 27.20 4.98 -15.74
N ASP A 302 25.96 5.33 -16.08
CA ASP A 302 25.56 6.73 -16.16
C ASP A 302 25.11 7.19 -14.76
N VAL A 303 24.80 6.23 -13.91
CA VAL A 303 24.32 6.51 -12.58
C VAL A 303 25.46 7.04 -11.70
N GLU A 304 25.22 8.18 -11.04
CA GLU A 304 26.12 8.64 -9.97
C GLU A 304 25.70 8.05 -8.61
N GLN A 305 26.41 7.02 -8.18
CA GLN A 305 26.01 6.24 -7.00
C GLN A 305 26.31 6.98 -5.67
N ALA A 306 25.38 7.85 -5.29
CA ALA A 306 25.57 8.72 -4.12
C ALA A 306 25.41 7.99 -2.79
N CYS A 307 24.50 7.03 -2.75
CA CYS A 307 24.22 6.31 -1.51
C CYS A 307 25.29 5.22 -1.22
N ALA A 308 25.78 5.20 0.01
CA ALA A 308 26.88 4.34 0.40
C ALA A 308 26.40 3.04 1.05
N ALA A 309 25.21 3.07 1.62
CA ALA A 309 24.64 1.90 2.27
C ALA A 309 24.23 0.82 1.25
N THR A 310 23.68 1.25 0.10
CA THR A 310 23.09 0.32 -0.88
C THR A 310 23.48 0.71 -2.32
N PRO A 311 23.62 -0.29 -3.20
CA PRO A 311 23.87 0.00 -4.60
C PRO A 311 22.61 0.41 -5.31
N PHE A 312 22.75 1.17 -6.39
CA PHE A 312 21.63 1.42 -7.28
C PHE A 312 21.05 0.08 -7.78
N PRO A 313 19.71 -0.06 -7.75
CA PRO A 313 19.05 -1.26 -8.24
C PRO A 313 19.38 -1.56 -9.71
N ALA A 314 19.58 -2.83 -10.05
CA ALA A 314 19.93 -3.23 -11.41
C ALA A 314 18.76 -3.04 -12.37
N LEU A 315 18.50 -1.80 -12.76
CA LEU A 315 17.46 -1.50 -13.74
C LEU A 315 17.93 -1.88 -15.12
N THR A 316 16.98 -2.13 -16.02
CA THR A 316 17.32 -2.30 -17.42
C THR A 316 16.93 -1.06 -18.20
N ALA A 317 17.58 -0.85 -19.34
CA ALA A 317 17.31 0.33 -20.14
C ALA A 317 16.27 0.03 -21.22
N ASP A 318 15.43 1.02 -21.52
CA ASP A 318 14.54 0.94 -22.67
C ASP A 318 15.34 0.63 -23.93
N PRO A 319 14.76 -0.16 -24.84
CA PRO A 319 15.39 -0.47 -26.10
C PRO A 319 15.57 0.76 -26.97
N GLY A 320 16.63 0.77 -27.79
CA GLY A 320 16.72 1.70 -28.89
C GLY A 320 17.62 2.89 -28.63
N PRO A 321 17.53 3.90 -29.49
CA PRO A 321 18.40 5.04 -29.45
C PRO A 321 17.95 6.04 -28.37
N VAL A 322 18.86 6.92 -27.95
CA VAL A 322 18.50 8.00 -27.05
C VAL A 322 17.37 8.82 -27.64
N THR A 323 16.21 8.79 -27.00
CA THR A 323 15.10 9.64 -27.41
C THR A 323 15.03 10.88 -26.53
N SER A 324 14.25 11.86 -26.95
CA SER A 324 14.09 13.07 -26.19
C SER A 324 12.75 13.10 -25.50
N VAL A 325 12.55 14.08 -24.62
CA VAL A 325 11.34 14.14 -23.80
C VAL A 325 10.35 15.18 -24.32
N PRO A 326 9.16 14.71 -24.71
CA PRO A 326 8.08 15.60 -25.14
C PRO A 326 7.63 16.49 -24.00
N PRO A 327 7.27 17.76 -24.31
CA PRO A 327 6.92 18.72 -23.27
C PRO A 327 5.52 18.47 -22.72
N VAL A 328 5.15 19.21 -21.69
CA VAL A 328 3.79 19.22 -21.23
C VAL A 328 2.96 20.15 -22.10
N PRO A 329 1.90 19.61 -22.72
CA PRO A 329 1.02 20.43 -23.57
C PRO A 329 0.31 21.50 -22.76
N GLY A 330 0.52 22.77 -23.12
CA GLY A 330 -0.07 23.90 -22.40
C GLY A 330 0.47 25.23 -22.89
N SER A 331 -0.22 26.33 -22.52
CA SER A 331 0.17 27.69 -22.96
C SER A 331 -0.09 27.92 -24.45
N ALA B 1 -1.54 -0.36 31.91
CA ALA B 1 -2.83 0.36 31.78
C ALA B 1 -4.02 -0.56 32.10
N THR B 2 -5.12 0.04 32.55
CA THR B 2 -6.30 -0.72 32.90
C THR B 2 -7.54 -0.03 32.31
N CYS B 3 -8.23 -0.71 31.40
CA CYS B 3 -9.24 -0.06 30.55
C CYS B 3 -10.59 0.12 31.25
N ASP B 4 -11.43 1.01 30.72
CA ASP B 4 -12.77 1.23 31.26
C ASP B 4 -13.33 -0.05 31.87
N ASP B 5 -13.40 -1.10 31.05
CA ASP B 5 -14.05 -2.36 31.45
C ASP B 5 -13.19 -3.20 32.41
N GLY B 6 -12.10 -2.62 32.88
CA GLY B 6 -11.28 -3.26 33.91
C GLY B 6 -10.36 -4.35 33.40
N ARG B 7 -10.05 -4.32 32.10
CA ARG B 7 -9.05 -5.23 31.54
C ARG B 7 -7.71 -4.52 31.36
N THR B 8 -6.63 -5.27 31.45
CA THR B 8 -5.29 -4.69 31.39
C THR B 8 -4.67 -4.78 29.99
N THR B 9 -3.68 -3.91 29.73
CA THR B 9 -2.91 -3.96 28.50
C THR B 9 -1.73 -2.99 28.56
N ALA B 10 -0.61 -3.39 27.95
CA ALA B 10 0.64 -2.65 28.07
C ALA B 10 0.51 -1.17 27.66
N ASN B 11 -0.28 -0.91 26.63
CA ASN B 11 -0.52 0.46 26.19
C ASN B 11 -1.99 0.87 26.29
N ALA B 12 -2.22 2.09 26.76
CA ALA B 12 -3.58 2.57 27.00
C ALA B 12 -4.32 2.82 25.71
N ALA B 13 -3.57 3.14 24.65
CA ALA B 13 -4.16 3.43 23.35
C ALA B 13 -4.85 2.18 22.77
N CYS B 14 -4.42 0.99 23.22
CA CYS B 14 -4.96 -0.27 22.71
C CYS B 14 -6.35 -0.58 23.28
N CYS B 15 -6.76 0.16 24.31
CA CYS B 15 -8.01 -0.14 25.00
C CYS B 15 -9.21 -0.01 24.08
N ILE B 16 -9.07 0.78 23.02
CA ILE B 16 -10.15 0.92 22.05
C ILE B 16 -10.37 -0.37 21.26
N LEU B 17 -9.49 -1.36 21.47
CA LEU B 17 -9.54 -2.60 20.69
C LEU B 17 -10.43 -3.67 21.35
N PHE B 18 -10.80 -3.45 22.60
CA PHE B 18 -11.51 -4.47 23.38
C PHE B 18 -12.98 -4.60 22.99
N PRO B 19 -13.68 -3.48 22.82
CA PRO B 19 -15.04 -3.50 22.25
C PRO B 19 -15.06 -4.20 20.92
N ILE B 20 -14.14 -3.83 20.03
CA ILE B 20 -14.02 -4.47 18.73
C ILE B 20 -13.80 -5.98 18.87
N LEU B 21 -12.95 -6.38 19.82
CA LEU B 21 -12.70 -7.80 20.09
C LEU B 21 -14.00 -8.50 20.46
N ASP B 22 -14.66 -8.01 21.51
CA ASP B 22 -15.95 -8.54 21.92
C ASP B 22 -16.92 -8.65 20.75
N ASP B 23 -16.88 -7.64 19.87
CA ASP B 23 -17.85 -7.54 18.80
C ASP B 23 -17.65 -8.62 17.72
N ILE B 24 -16.41 -8.78 17.28
CA ILE B 24 -16.14 -9.73 16.20
C ILE B 24 -16.20 -11.18 16.67
N GLN B 25 -15.83 -11.42 17.92
CA GLN B 25 -15.88 -12.75 18.49
C GLN B 25 -17.31 -13.28 18.55
N GLU B 26 -18.25 -12.40 18.90
CA GLU B 26 -19.66 -12.76 18.98
C GLU B 26 -20.37 -12.67 17.64
N ASN B 27 -20.09 -11.61 16.89
CA ASN B 27 -20.91 -11.24 15.75
C ASN B 27 -20.25 -11.51 14.38
N LEU B 28 -19.05 -12.05 14.40
CA LEU B 28 -18.39 -12.46 13.17
C LEU B 28 -17.93 -13.90 13.26
N PHE B 29 -17.51 -14.30 14.45
CA PHE B 29 -16.83 -15.58 14.61
C PHE B 29 -17.66 -16.61 15.42
N ASP B 30 -18.98 -16.44 15.41
CA ASP B 30 -19.88 -17.48 15.94
C ASP B 30 -19.62 -17.88 17.38
N GLY B 31 -19.03 -16.98 18.15
CA GLY B 31 -18.65 -17.28 19.52
C GLY B 31 -17.24 -17.80 19.58
N ALA B 32 -16.32 -17.06 18.94
CA ALA B 32 -14.90 -17.40 18.99
C ALA B 32 -14.62 -18.83 18.54
N GLN B 33 -15.23 -19.20 17.42
CA GLN B 33 -15.00 -20.51 16.81
C GLN B 33 -13.98 -20.39 15.71
N CYS B 34 -13.23 -21.46 15.45
CA CYS B 34 -12.29 -21.49 14.35
C CYS B 34 -12.97 -22.00 13.07
N GLY B 35 -14.00 -21.28 12.62
CA GLY B 35 -14.81 -21.72 11.48
C GLY B 35 -14.67 -20.83 10.24
N GLU B 36 -15.73 -20.78 9.43
CA GLU B 36 -15.65 -20.17 8.10
C GLU B 36 -15.17 -18.71 8.12
N GLU B 37 -15.86 -17.86 8.90
CA GLU B 37 -15.44 -16.44 9.02
C GLU B 37 -13.97 -16.28 9.40
N VAL B 38 -13.53 -17.04 10.39
CA VAL B 38 -12.13 -16.99 10.82
C VAL B 38 -11.20 -17.29 9.63
N HIS B 39 -11.40 -18.44 9.00
CA HIS B 39 -10.62 -18.79 7.83
C HIS B 39 -10.67 -17.68 6.82
N GLU B 40 -11.88 -17.18 6.57
CA GLU B 40 -12.07 -16.13 5.56
C GLU B 40 -11.37 -14.80 5.94
N SER B 41 -11.36 -14.50 7.22
CA SER B 41 -10.66 -13.31 7.71
C SER B 41 -9.12 -13.43 7.58
N LEU B 42 -8.60 -14.64 7.73
CA LEU B 42 -7.17 -14.88 7.56
C LEU B 42 -6.77 -14.84 6.09
N ARG B 43 -7.61 -15.39 5.21
CA ARG B 43 -7.43 -15.25 3.78
C ARG B 43 -7.41 -13.76 3.38
N LEU B 44 -8.24 -12.96 4.05
CA LEU B 44 -8.30 -11.55 3.77
C LEU B 44 -6.99 -10.84 4.10
N THR B 45 -6.35 -11.24 5.18
CA THR B 45 -5.09 -10.61 5.57
C THR B 45 -4.08 -10.73 4.43
N PHE B 46 -4.08 -11.87 3.75
CA PHE B 46 -3.16 -12.11 2.65
C PHE B 46 -3.55 -11.39 1.36
N HIS B 47 -4.83 -11.39 1.02
CA HIS B 47 -5.33 -10.71 -0.20
C HIS B 47 -5.18 -9.19 -0.11
N ASP B 48 -5.20 -8.68 1.11
CA ASP B 48 -4.97 -7.28 1.34
C ASP B 48 -3.47 -6.95 1.29
N ALA B 49 -2.68 -7.65 2.08
CA ALA B 49 -1.27 -7.33 2.23
C ALA B 49 -0.46 -7.57 0.97
N ILE B 50 -0.81 -8.62 0.22
CA ILE B 50 -0.04 -9.01 -0.95
C ILE B 50 -0.25 -8.06 -2.12
N GLY B 51 -1.26 -7.21 -2.02
CA GLY B 51 -1.46 -6.14 -2.99
C GLY B 51 -0.32 -5.15 -2.94
N PHE B 52 0.88 -5.65 -3.14
CA PHE B 52 2.08 -4.89 -2.89
C PHE B 52 3.19 -5.35 -3.81
N SER B 53 3.54 -4.50 -4.78
CA SER B 53 4.64 -4.77 -5.69
C SER B 53 5.41 -3.48 -6.00
N PRO B 54 6.73 -3.48 -5.73
CA PRO B 54 7.57 -2.30 -5.92
C PRO B 54 7.51 -1.76 -7.34
N THR B 55 7.32 -2.66 -8.30
CA THR B 55 7.30 -2.27 -9.69
C THR B 55 5.95 -1.70 -10.11
N LEU B 56 4.87 -2.24 -9.55
CA LEU B 56 3.54 -1.98 -10.05
C LEU B 56 2.70 -1.17 -9.10
N GLY B 57 3.13 -1.12 -7.84
CA GLY B 57 2.46 -0.30 -6.82
C GLY B 57 1.53 -1.08 -5.90
N GLY B 58 0.63 -0.36 -5.24
CA GLY B 58 -0.22 -0.95 -4.24
C GLY B 58 0.38 -0.80 -2.87
N GLY B 59 -0.43 -0.34 -1.91
CA GLY B 59 0.09 0.07 -0.58
C GLY B 59 0.13 -1.05 0.45
N GLY B 60 -0.20 -2.27 0.02
CA GLY B 60 0.02 -3.46 0.86
C GLY B 60 -1.07 -3.72 1.88
N ALA B 61 -0.64 -4.06 3.10
CA ALA B 61 -1.57 -4.19 4.24
C ALA B 61 -2.13 -2.84 4.65
N ASP B 62 -3.07 -2.33 3.84
CA ASP B 62 -3.60 -0.98 4.02
C ASP B 62 -5.11 -0.97 4.04
N GLY B 63 -5.70 -2.17 4.06
CA GLY B 63 -7.15 -2.32 3.94
C GLY B 63 -7.70 -1.85 2.59
N SER B 64 -6.83 -1.69 1.60
CA SER B 64 -7.25 -1.22 0.29
C SER B 64 -8.36 -2.11 -0.30
N ILE B 65 -8.42 -3.35 0.14
CA ILE B 65 -9.39 -4.31 -0.38
C ILE B 65 -10.81 -4.03 0.15
N ILE B 66 -10.91 -3.17 1.16
CA ILE B 66 -12.21 -2.74 1.65
C ILE B 66 -12.57 -1.37 1.09
N ALA B 67 -11.67 -0.39 1.27
CA ALA B 67 -11.93 0.99 0.83
C ALA B 67 -12.17 1.04 -0.66
N PHE B 68 -11.60 0.07 -1.38
CA PHE B 68 -11.72 0.02 -2.82
C PHE B 68 -12.30 -1.32 -3.24
N ASP B 69 -13.16 -1.88 -2.40
CA ASP B 69 -13.76 -3.18 -2.66
C ASP B 69 -14.40 -3.26 -4.05
N THR B 70 -14.97 -2.14 -4.51
CA THR B 70 -15.53 -2.09 -5.87
C THR B 70 -14.49 -2.46 -6.92
N ILE B 71 -13.23 -2.09 -6.68
CA ILE B 71 -12.17 -2.44 -7.60
C ILE B 71 -11.68 -3.85 -7.33
N GLU B 72 -11.13 -4.05 -6.13
CA GLU B 72 -10.33 -5.25 -5.88
C GLU B 72 -11.13 -6.56 -5.84
N THR B 73 -12.32 -6.55 -5.24
CA THR B 73 -13.14 -7.76 -5.20
C THR B 73 -13.63 -8.16 -6.59
N ASN B 74 -13.19 -7.43 -7.61
CA ASN B 74 -13.46 -7.80 -9.00
C ASN B 74 -12.27 -8.38 -9.73
N PHE B 75 -11.15 -8.54 -9.02
CA PHE B 75 -10.03 -9.29 -9.56
C PHE B 75 -10.35 -10.79 -9.58
N PRO B 76 -10.13 -11.45 -10.72
CA PRO B 76 -10.26 -12.90 -10.81
C PRO B 76 -9.64 -13.64 -9.61
N ALA B 77 -8.41 -13.29 -9.27
CA ALA B 77 -7.74 -13.94 -8.14
C ALA B 77 -8.47 -13.68 -6.82
N ASN B 78 -9.31 -12.65 -6.80
CA ASN B 78 -10.09 -12.30 -5.60
C ASN B 78 -11.49 -12.92 -5.60
N ALA B 79 -11.72 -13.86 -6.52
CA ALA B 79 -12.97 -14.59 -6.59
C ALA B 79 -13.42 -15.02 -5.20
N GLY B 80 -14.66 -14.65 -4.85
CA GLY B 80 -15.28 -15.16 -3.63
C GLY B 80 -14.98 -14.36 -2.36
N ILE B 81 -14.10 -13.35 -2.47
CA ILE B 81 -13.63 -12.61 -1.30
C ILE B 81 -14.64 -11.57 -0.82
N ASP B 82 -15.64 -11.29 -1.67
CA ASP B 82 -16.62 -10.24 -1.36
C ASP B 82 -17.48 -10.61 -0.17
N GLU B 83 -17.67 -11.91 0.03
CA GLU B 83 -18.35 -12.41 1.22
C GLU B 83 -17.78 -11.76 2.48
N ILE B 84 -16.51 -12.04 2.77
CA ILE B 84 -15.91 -11.62 4.02
C ILE B 84 -15.62 -10.12 4.07
N VAL B 85 -15.32 -9.54 2.91
CA VAL B 85 -15.15 -8.10 2.83
C VAL B 85 -16.45 -7.41 3.24
N SER B 86 -17.56 -7.79 2.61
CA SER B 86 -18.84 -7.20 2.95
C SER B 86 -19.26 -7.56 4.39
N ALA B 87 -18.87 -8.74 4.86
CA ALA B 87 -19.14 -9.14 6.23
C ALA B 87 -18.46 -8.19 7.22
N GLN B 88 -17.35 -7.61 6.80
CA GLN B 88 -16.51 -6.82 7.70
C GLN B 88 -16.75 -5.32 7.59
N LYS B 89 -17.23 -4.87 6.42
CA LYS B 89 -17.49 -3.43 6.19
C LYS B 89 -18.25 -2.74 7.35
N PRO B 90 -19.36 -3.37 7.80
CA PRO B 90 -20.15 -2.79 8.88
C PRO B 90 -19.31 -2.57 10.14
N PHE B 91 -18.44 -3.51 10.45
CA PHE B 91 -17.64 -3.44 11.66
C PHE B 91 -16.68 -2.30 11.61
N VAL B 92 -16.14 -2.03 10.43
CA VAL B 92 -15.17 -0.96 10.27
C VAL B 92 -15.85 0.39 10.37
N ALA B 93 -16.95 0.54 9.63
CA ALA B 93 -17.82 1.70 9.76
C ALA B 93 -18.23 1.93 11.22
N LYS B 94 -18.77 0.89 11.84
CA LYS B 94 -19.27 0.99 13.22
C LYS B 94 -18.19 1.43 14.23
N HIS B 95 -16.95 1.04 13.99
CA HIS B 95 -15.91 1.18 15.02
C HIS B 95 -14.86 2.21 14.65
N ASN B 96 -13.85 2.33 15.50
CA ASN B 96 -12.90 3.42 15.39
C ASN B 96 -11.48 2.98 15.01
N ILE B 97 -11.36 2.16 13.97
CA ILE B 97 -10.04 1.80 13.42
C ILE B 97 -10.04 1.71 11.89
N SER B 98 -8.92 2.07 11.28
CA SER B 98 -8.74 1.97 9.83
C SER B 98 -9.10 0.57 9.34
N ALA B 99 -9.54 0.48 8.09
CA ALA B 99 -9.86 -0.82 7.50
C ALA B 99 -8.66 -1.77 7.53
N GLY B 100 -7.46 -1.21 7.36
CA GLY B 100 -6.24 -1.99 7.38
C GLY B 100 -5.92 -2.58 8.74
N ASP B 101 -6.26 -1.85 9.79
CA ASP B 101 -6.06 -2.33 11.14
C ASP B 101 -7.04 -3.42 11.45
N PHE B 102 -8.31 -3.19 11.10
CA PHE B 102 -9.31 -4.18 11.34
C PHE B 102 -8.89 -5.50 10.71
N ILE B 103 -8.57 -5.47 9.43
CA ILE B 103 -8.29 -6.68 8.69
C ILE B 103 -7.22 -7.55 9.36
N GLN B 104 -6.14 -6.93 9.81
CA GLN B 104 -5.07 -7.65 10.49
C GLN B 104 -5.47 -8.04 11.91
N PHE B 105 -6.25 -7.19 12.57
CA PHE B 105 -6.79 -7.49 13.91
C PHE B 105 -7.73 -8.70 13.87
N ALA B 106 -8.66 -8.68 12.91
CA ALA B 106 -9.56 -9.81 12.70
C ALA B 106 -8.78 -11.09 12.41
N GLY B 107 -7.78 -10.97 11.54
CA GLY B 107 -6.89 -12.08 11.24
C GLY B 107 -6.28 -12.68 12.49
N ALA B 108 -5.67 -11.82 13.31
CA ALA B 108 -4.95 -12.28 14.49
C ALA B 108 -5.90 -12.86 15.55
N VAL B 109 -7.06 -12.23 15.73
CA VAL B 109 -8.05 -12.74 16.66
C VAL B 109 -8.59 -14.11 16.23
N GLY B 110 -8.95 -14.24 14.95
CA GLY B 110 -9.45 -15.49 14.41
C GLY B 110 -8.46 -16.62 14.62
N VAL B 111 -7.25 -16.46 14.07
CA VAL B 111 -6.19 -17.44 14.22
C VAL B 111 -6.00 -17.79 15.68
N SER B 112 -6.41 -16.88 16.54
CA SER B 112 -6.26 -17.07 17.98
C SER B 112 -7.29 -18.06 18.57
N ASN B 113 -8.38 -18.30 17.85
CA ASN B 113 -9.42 -19.21 18.31
C ASN B 113 -9.09 -20.67 17.97
N CYS B 114 -8.12 -20.87 17.09
CA CYS B 114 -7.81 -22.23 16.58
C CYS B 114 -6.81 -22.98 17.46
N PRO B 115 -7.21 -24.14 17.96
CA PRO B 115 -6.32 -24.96 18.75
C PRO B 115 -5.00 -25.17 18.04
N GLY B 116 -3.89 -25.03 18.77
CA GLY B 116 -2.57 -25.20 18.20
C GLY B 116 -2.01 -23.90 17.71
N GLY B 117 -2.78 -22.83 17.90
CA GLY B 117 -2.51 -21.56 17.22
C GLY B 117 -1.56 -20.63 17.96
N VAL B 118 -1.27 -19.49 17.34
CA VAL B 118 -0.38 -18.50 17.89
C VAL B 118 -1.09 -17.17 17.97
N ARG B 119 -0.61 -16.29 18.84
CA ARG B 119 -0.97 -14.89 18.78
C ARG B 119 -0.03 -14.18 17.82
N ILE B 120 -0.53 -13.83 16.64
CA ILE B 120 0.23 -13.04 15.70
C ILE B 120 0.35 -11.63 16.25
N PRO B 121 1.59 -11.12 16.38
CA PRO B 121 1.80 -9.76 16.88
C PRO B 121 0.92 -8.76 16.16
N PHE B 122 0.37 -7.80 16.88
CA PHE B 122 -0.49 -6.80 16.26
C PHE B 122 -0.12 -5.35 16.62
N PHE B 123 -0.16 -4.49 15.61
CA PHE B 123 0.16 -3.07 15.79
C PHE B 123 -0.98 -2.17 15.33
N LEU B 124 -1.12 -1.03 15.98
CA LEU B 124 -2.25 -0.14 15.73
C LEU B 124 -1.79 1.18 15.10
N GLY B 125 -2.55 1.67 14.14
CA GLY B 125 -2.34 3.02 13.59
C GLY B 125 -2.02 3.09 12.10
N ARG B 126 -2.38 2.04 11.36
CA ARG B 126 -2.27 2.08 9.89
C ARG B 126 -3.16 3.17 9.34
N PRO B 127 -2.60 4.10 8.59
CA PRO B 127 -3.44 5.03 7.84
C PRO B 127 -4.41 4.28 6.94
N ASP B 128 -5.46 4.96 6.51
CA ASP B 128 -6.37 4.41 5.50
C ASP B 128 -5.63 4.21 4.20
N ALA B 129 -6.11 3.27 3.39
CA ALA B 129 -5.47 2.99 2.12
C ALA B 129 -5.54 4.22 1.22
N VAL B 130 -4.43 4.52 0.53
CA VAL B 130 -4.40 5.68 -0.36
C VAL B 130 -4.53 5.30 -1.82
N ALA B 131 -4.30 4.03 -2.12
CA ALA B 131 -4.50 3.54 -3.49
C ALA B 131 -5.18 2.16 -3.51
N ALA B 132 -5.83 1.84 -4.62
CA ALA B 132 -6.28 0.49 -4.89
C ALA B 132 -5.12 -0.27 -5.49
N SER B 133 -5.03 -1.55 -5.18
CA SER B 133 -3.97 -2.37 -5.72
C SER B 133 -4.13 -2.52 -7.21
N PRO B 134 -3.00 -2.62 -7.93
CA PRO B 134 -3.03 -3.14 -9.30
C PRO B 134 -3.63 -4.54 -9.31
N ASP B 135 -4.02 -5.01 -10.47
CA ASP B 135 -4.44 -6.39 -10.63
C ASP B 135 -3.21 -7.33 -10.87
N HIS B 136 -3.43 -8.63 -10.78
CA HIS B 136 -2.38 -9.64 -11.04
C HIS B 136 -1.28 -9.64 -9.98
N LEU B 137 -1.67 -9.41 -8.74
CA LEU B 137 -0.71 -9.37 -7.65
C LEU B 137 -0.92 -10.50 -6.65
N VAL B 138 -2.16 -10.97 -6.57
CA VAL B 138 -2.47 -12.16 -5.80
C VAL B 138 -2.13 -13.38 -6.62
N PRO B 139 -1.29 -14.29 -6.08
CA PRO B 139 -0.91 -15.51 -6.77
C PRO B 139 -2.10 -16.44 -6.91
N GLU B 140 -2.08 -17.29 -7.95
CA GLU B 140 -3.21 -18.16 -8.23
C GLU B 140 -2.87 -19.65 -8.15
N PRO B 141 -3.87 -20.47 -7.80
CA PRO B 141 -3.62 -21.87 -7.45
C PRO B 141 -3.05 -22.67 -8.62
N PHE B 142 -3.25 -22.16 -9.84
CA PHE B 142 -2.76 -22.83 -11.04
C PHE B 142 -1.45 -22.22 -11.57
N ASP B 143 -0.87 -21.31 -10.80
CA ASP B 143 0.40 -20.71 -11.18
C ASP B 143 1.54 -21.68 -10.93
N SER B 144 2.53 -21.66 -11.82
CA SER B 144 3.69 -22.48 -11.61
C SER B 144 4.48 -21.99 -10.38
N VAL B 145 5.26 -22.91 -9.79
CA VAL B 145 6.09 -22.61 -8.63
C VAL B 145 6.98 -21.37 -8.85
N ASP B 146 7.54 -21.26 -10.04
CA ASP B 146 8.41 -20.12 -10.37
C ASP B 146 7.65 -18.84 -10.28
N SER B 147 6.54 -18.77 -10.98
CA SER B 147 5.68 -17.59 -10.94
C SER B 147 5.29 -17.21 -9.50
N ILE B 148 4.93 -18.20 -8.68
CA ILE B 148 4.44 -17.95 -7.32
C ILE B 148 5.55 -17.40 -6.42
N LEU B 149 6.73 -18.04 -6.49
CA LEU B 149 7.86 -17.63 -5.68
C LEU B 149 8.34 -16.25 -6.10
N ALA B 150 8.50 -16.05 -7.41
CA ALA B 150 8.77 -14.72 -7.97
C ALA B 150 7.86 -13.66 -7.35
N ARG B 151 6.56 -13.92 -7.32
CA ARG B 151 5.59 -12.94 -6.87
C ARG B 151 5.77 -12.64 -5.36
N MET B 152 6.02 -13.68 -4.57
CA MET B 152 6.18 -13.53 -3.14
C MET B 152 7.53 -12.91 -2.85
N GLY B 153 8.53 -13.29 -3.65
CA GLY B 153 9.83 -12.66 -3.62
C GLY B 153 9.72 -11.18 -3.89
N ASP B 154 9.03 -10.85 -4.98
CA ASP B 154 8.77 -9.45 -5.35
C ASP B 154 8.16 -8.66 -4.18
N ALA B 155 7.42 -9.35 -3.31
CA ALA B 155 6.82 -8.70 -2.14
C ALA B 155 7.76 -8.74 -0.87
N GLY B 156 8.82 -9.54 -0.93
CA GLY B 156 9.83 -9.54 0.12
C GLY B 156 9.91 -10.86 0.90
N PHE B 157 9.30 -11.90 0.37
CA PHE B 157 9.36 -13.21 1.01
C PHE B 157 10.26 -14.18 0.24
N SER B 158 11.17 -14.82 0.96
CA SER B 158 11.93 -15.93 0.39
C SER B 158 11.04 -17.19 0.29
N PRO B 159 11.45 -18.17 -0.52
CA PRO B 159 10.72 -19.43 -0.66
C PRO B 159 10.32 -20.10 0.69
N VAL B 160 11.19 -20.09 1.69
CA VAL B 160 10.86 -20.77 2.95
C VAL B 160 9.80 -20.03 3.72
N GLU B 161 9.76 -18.71 3.56
CA GLU B 161 8.72 -17.89 4.21
C GLU B 161 7.35 -18.18 3.60
N VAL B 162 7.33 -18.44 2.30
CA VAL B 162 6.10 -18.84 1.62
C VAL B 162 5.55 -20.13 2.24
N VAL B 163 6.43 -21.12 2.39
CA VAL B 163 6.09 -22.33 3.09
C VAL B 163 5.50 -21.98 4.44
N TRP B 164 6.29 -21.29 5.26
CA TRP B 164 5.84 -20.86 6.59
C TRP B 164 4.44 -20.25 6.57
N LEU B 165 4.20 -19.33 5.64
CA LEU B 165 2.90 -18.69 5.51
C LEU B 165 1.80 -19.68 5.14
N LEU B 166 2.14 -20.65 4.29
CA LEU B 166 1.14 -21.59 3.80
C LEU B 166 0.67 -22.52 4.90
N ALA B 167 1.27 -22.40 6.07
CA ALA B 167 0.75 -23.06 7.24
C ALA B 167 -0.70 -22.64 7.47
N SER B 168 -1.04 -21.45 6.99
CA SER B 168 -2.41 -20.93 7.06
C SER B 168 -3.42 -21.89 6.44
N HIS B 169 -2.98 -22.62 5.41
CA HIS B 169 -3.84 -23.59 4.76
C HIS B 169 -4.15 -24.81 5.66
N SER B 170 -3.66 -24.80 6.88
CA SER B 170 -4.00 -25.85 7.84
C SER B 170 -5.40 -25.59 8.42
N ILE B 171 -5.89 -24.39 8.21
CA ILE B 171 -7.22 -24.04 8.68
C ILE B 171 -7.99 -23.37 7.56
N ALA B 172 -8.25 -24.11 6.49
CA ALA B 172 -8.70 -23.50 5.23
C ALA B 172 -9.53 -24.43 4.32
N ALA B 173 -10.45 -23.83 3.56
CA ALA B 173 -11.27 -24.56 2.63
C ALA B 173 -11.52 -23.73 1.39
N ALA B 174 -11.83 -24.39 0.29
CA ALA B 174 -12.14 -23.70 -0.96
C ALA B 174 -13.63 -23.68 -1.23
N ASP B 175 -14.13 -22.53 -1.71
CA ASP B 175 -15.53 -22.40 -2.13
C ASP B 175 -15.66 -22.15 -3.62
N LYS B 176 -14.58 -21.67 -4.24
CA LYS B 176 -14.62 -21.30 -5.66
C LYS B 176 -13.89 -22.28 -6.56
N VAL B 177 -12.91 -22.97 -5.98
CA VAL B 177 -12.11 -23.94 -6.75
C VAL B 177 -13.02 -24.99 -7.39
N ASP B 178 -13.88 -25.60 -6.56
CA ASP B 178 -14.99 -26.42 -7.07
C ASP B 178 -16.30 -25.99 -6.41
N PRO B 179 -17.07 -25.10 -7.08
CA PRO B 179 -18.27 -24.50 -6.50
C PRO B 179 -19.40 -25.50 -6.23
N SER B 180 -19.17 -26.77 -6.54
CA SER B 180 -20.14 -27.82 -6.21
C SER B 180 -19.90 -28.41 -4.81
N ILE B 181 -18.78 -28.06 -4.20
CA ILE B 181 -18.44 -28.61 -2.89
C ILE B 181 -17.79 -27.56 -1.97
N PRO B 182 -18.55 -26.53 -1.60
CA PRO B 182 -18.00 -25.43 -0.82
C PRO B 182 -17.79 -25.84 0.60
N GLY B 183 -16.78 -25.27 1.26
CA GLY B 183 -16.44 -25.64 2.63
C GLY B 183 -15.60 -26.91 2.72
N THR B 184 -15.14 -27.41 1.57
CA THR B 184 -14.15 -28.51 1.54
C THR B 184 -12.74 -28.03 1.94
N PRO B 185 -12.21 -28.55 3.05
CA PRO B 185 -10.95 -28.11 3.67
C PRO B 185 -9.68 -28.59 2.92
N PHE B 186 -8.55 -27.92 3.19
CA PHE B 186 -7.28 -28.28 2.55
C PHE B 186 -6.49 -29.32 3.34
N ASP B 187 -6.85 -29.51 4.61
CA ASP B 187 -6.42 -30.71 5.34
C ASP B 187 -7.60 -31.28 6.16
N SER B 188 -7.38 -32.43 6.79
CA SER B 188 -8.46 -33.13 7.47
C SER B 188 -8.91 -32.40 8.75
N THR B 189 -8.21 -31.32 9.10
CA THR B 189 -8.51 -30.59 10.35
C THR B 189 -8.55 -29.05 10.14
N PRO B 190 -9.54 -28.56 9.38
CA PRO B 190 -9.65 -27.11 9.13
C PRO B 190 -9.95 -26.32 10.41
N GLY B 191 -10.29 -27.04 11.49
CA GLY B 191 -10.52 -26.40 12.81
C GLY B 191 -9.30 -26.49 13.76
N VAL B 192 -8.23 -27.12 13.29
CA VAL B 192 -7.02 -27.25 14.10
C VAL B 192 -5.78 -26.73 13.36
N PHE B 193 -5.04 -25.84 14.02
CA PHE B 193 -3.79 -25.34 13.49
C PHE B 193 -2.69 -26.34 13.78
N ASP B 194 -2.55 -27.33 12.91
CA ASP B 194 -1.62 -28.44 13.12
C ASP B 194 -0.88 -28.75 11.82
N SER B 195 -0.04 -29.79 11.83
CA SER B 195 0.81 -30.09 10.66
C SER B 195 0.13 -30.99 9.63
N GLN B 196 -1.14 -31.30 9.86
CA GLN B 196 -1.87 -32.22 8.97
C GLN B 196 -1.78 -31.81 7.50
N PHE B 197 -2.00 -30.51 7.23
CA PHE B 197 -1.92 -29.98 5.87
C PHE B 197 -0.58 -30.32 5.20
N PHE B 198 0.51 -30.24 5.96
CA PHE B 198 1.85 -30.50 5.41
C PHE B 198 2.07 -31.98 5.18
N ILE B 199 1.43 -32.82 5.99
CA ILE B 199 1.48 -34.25 5.82
C ILE B 199 0.69 -34.67 4.59
N GLU B 200 -0.54 -34.17 4.49
CA GLU B 200 -1.53 -34.72 3.57
C GLU B 200 -1.38 -34.25 2.13
N THR B 201 -0.70 -33.12 1.94
CA THR B 201 -0.34 -32.65 0.60
C THR B 201 0.85 -33.47 0.05
N GLN B 202 1.54 -34.15 0.95
CA GLN B 202 2.70 -34.92 0.58
C GLN B 202 2.33 -36.36 0.24
N LEU B 203 1.13 -36.77 0.67
CA LEU B 203 0.62 -38.09 0.33
C LEU B 203 0.36 -38.16 -1.15
N LYS B 204 0.47 -39.36 -1.71
CA LYS B 204 0.14 -39.59 -3.09
C LYS B 204 -1.37 -39.45 -3.29
N GLY B 205 -1.77 -38.71 -4.33
CA GLY B 205 -3.18 -38.51 -4.61
C GLY B 205 -3.93 -39.81 -4.82
N ARG B 206 -5.21 -39.85 -4.43
CA ARG B 206 -6.03 -41.03 -4.62
C ARG B 206 -7.27 -40.76 -5.47
N LEU B 207 -7.76 -39.52 -5.45
CA LEU B 207 -9.06 -39.20 -6.05
C LEU B 207 -9.27 -37.70 -6.26
N PHE B 208 -10.30 -37.37 -7.04
CA PHE B 208 -10.82 -36.01 -7.11
C PHE B 208 -12.17 -35.96 -6.41
N PRO B 209 -12.34 -35.01 -5.47
CA PRO B 209 -13.43 -34.97 -4.49
C PRO B 209 -14.80 -34.47 -5.05
N GLY B 210 -14.78 -33.67 -6.11
CA GLY B 210 -16.02 -33.14 -6.66
C GLY B 210 -16.20 -33.52 -8.10
N THR B 211 -16.37 -32.53 -8.97
CA THR B 211 -16.20 -32.73 -10.38
C THR B 211 -14.70 -32.96 -10.66
N ALA B 212 -14.37 -33.38 -11.88
CA ALA B 212 -13.00 -33.78 -12.19
C ALA B 212 -12.14 -32.60 -12.58
N ASP B 213 -12.47 -31.96 -13.70
CA ASP B 213 -11.62 -30.90 -14.27
C ASP B 213 -11.93 -29.51 -13.68
N ASN B 214 -11.22 -29.16 -12.62
CA ASN B 214 -11.20 -27.79 -12.15
C ASN B 214 -9.82 -27.21 -12.17
N LYS B 215 -9.66 -26.12 -12.91
CA LYS B 215 -8.39 -25.42 -12.97
C LYS B 215 -7.88 -25.13 -11.56
N GLY B 216 -6.60 -25.39 -11.32
CA GLY B 216 -5.98 -25.08 -10.06
C GLY B 216 -6.01 -26.25 -9.08
N GLU B 217 -6.69 -27.32 -9.46
CA GLU B 217 -6.87 -28.45 -8.59
C GLU B 217 -6.06 -29.65 -9.04
N ALA B 218 -5.57 -30.43 -8.08
CA ALA B 218 -4.90 -31.70 -8.35
C ALA B 218 -5.47 -32.81 -7.48
N GLN B 219 -4.94 -34.02 -7.62
CA GLN B 219 -5.48 -35.18 -6.90
C GLN B 219 -5.37 -35.04 -5.39
N SER B 220 -6.51 -35.22 -4.72
CA SER B 220 -6.55 -35.26 -3.28
C SER B 220 -6.34 -36.70 -2.79
N PRO B 221 -5.83 -36.87 -1.56
CA PRO B 221 -5.69 -38.19 -0.95
C PRO B 221 -6.99 -38.68 -0.31
N LEU B 222 -7.90 -37.76 -0.02
CA LEU B 222 -9.05 -38.06 0.83
C LEU B 222 -10.32 -37.40 0.29
N GLN B 223 -11.45 -38.07 0.46
CA GLN B 223 -12.73 -37.49 0.12
C GLN B 223 -13.05 -36.35 1.06
N GLY B 224 -13.72 -35.32 0.53
CA GLY B 224 -14.01 -34.14 1.31
C GLY B 224 -12.77 -33.32 1.59
N GLU B 225 -11.71 -33.60 0.83
CA GLU B 225 -10.52 -32.77 0.87
C GLU B 225 -10.14 -32.31 -0.53
N ILE B 226 -9.66 -31.07 -0.63
CA ILE B 226 -9.18 -30.53 -1.87
C ILE B 226 -7.67 -30.27 -1.81
N ARG B 227 -6.96 -30.66 -2.85
CA ARG B 227 -5.59 -30.25 -3.02
C ARG B 227 -5.50 -29.22 -4.12
N LEU B 228 -4.83 -28.12 -3.85
CA LEU B 228 -4.51 -27.14 -4.89
C LEU B 228 -3.28 -27.58 -5.65
N GLN B 229 -3.27 -27.31 -6.94
CA GLN B 229 -2.15 -27.68 -7.78
C GLN B 229 -0.85 -27.02 -7.30
N SER B 230 -0.95 -25.80 -6.75
CA SER B 230 0.22 -25.07 -6.28
C SER B 230 0.79 -25.66 -4.98
N ASP B 231 -0.10 -26.09 -4.10
CA ASP B 231 0.31 -26.81 -2.91
C ASP B 231 0.93 -28.17 -3.27
N HIS B 232 0.30 -28.89 -4.21
CA HIS B 232 0.85 -30.10 -4.77
C HIS B 232 2.30 -29.87 -5.21
N LEU B 233 2.50 -28.83 -6.01
CA LEU B 233 3.80 -28.57 -6.63
C LEU B 233 4.81 -28.03 -5.63
N LEU B 234 4.36 -27.15 -4.74
CA LEU B 234 5.24 -26.58 -3.72
C LEU B 234 5.79 -27.64 -2.78
N ALA B 235 4.99 -28.68 -2.53
CA ALA B 235 5.41 -29.77 -1.68
C ALA B 235 6.44 -30.65 -2.39
N ARG B 236 6.54 -30.50 -3.72
CA ARG B 236 7.35 -31.40 -4.55
C ARG B 236 8.56 -30.71 -5.19
N ASP B 237 8.44 -29.43 -5.49
CA ASP B 237 9.53 -28.64 -6.08
C ASP B 237 10.81 -28.62 -5.18
N PRO B 238 11.99 -28.82 -5.80
CA PRO B 238 13.29 -28.83 -5.10
C PRO B 238 13.54 -27.57 -4.26
N GLN B 239 12.88 -26.47 -4.61
CA GLN B 239 13.13 -25.19 -3.97
C GLN B 239 12.53 -25.13 -2.58
N THR B 240 11.53 -25.97 -2.34
CA THR B 240 10.67 -25.82 -1.16
C THR B 240 10.37 -27.17 -0.44
N ALA B 241 10.61 -28.27 -1.15
CA ALA B 241 10.23 -29.59 -0.66
C ALA B 241 10.75 -29.91 0.75
N CYS B 242 12.02 -29.60 0.99
CA CYS B 242 12.65 -29.94 2.27
C CYS B 242 12.15 -29.06 3.41
N GLU B 243 11.85 -27.80 3.10
CA GLU B 243 11.22 -26.91 4.07
C GLU B 243 9.78 -27.36 4.35
N TRP B 244 9.08 -27.78 3.29
CA TRP B 244 7.73 -28.30 3.44
C TRP B 244 7.70 -29.50 4.41
N GLN B 245 8.60 -30.46 4.20
CA GLN B 245 8.71 -31.63 5.07
C GLN B 245 9.07 -31.25 6.52
N SER B 246 10.01 -30.33 6.70
CA SER B 246 10.48 -29.95 8.03
C SER B 246 9.34 -29.43 8.93
N MET B 247 8.22 -29.07 8.32
CA MET B 247 7.06 -28.58 9.06
C MET B 247 6.29 -29.74 9.67
N VAL B 248 6.49 -30.94 9.13
CA VAL B 248 5.73 -32.12 9.57
C VAL B 248 6.03 -32.48 11.01
N ASN B 249 4.98 -32.74 11.79
CA ASN B 249 5.11 -33.01 13.23
C ASN B 249 6.14 -32.11 13.88
N ASN B 250 6.02 -30.81 13.61
CA ASN B 250 6.94 -29.81 14.12
C ASN B 250 6.17 -28.54 14.49
N GLN B 251 5.30 -28.70 15.49
CA GLN B 251 4.28 -27.70 15.81
C GLN B 251 4.90 -26.40 16.28
N PRO B 252 6.01 -26.48 17.03
CA PRO B 252 6.73 -25.30 17.44
C PRO B 252 7.20 -24.48 16.25
N LYS B 253 7.77 -25.15 15.25
CA LYS B 253 8.24 -24.45 14.07
C LYS B 253 7.09 -23.75 13.33
N ILE B 254 5.95 -24.42 13.25
CA ILE B 254 4.80 -23.86 12.56
C ILE B 254 4.32 -22.62 13.30
N GLN B 255 4.24 -22.73 14.62
CA GLN B 255 3.77 -21.63 15.45
C GLN B 255 4.70 -20.43 15.34
N ASN B 256 5.97 -20.64 15.62
CA ASN B 256 6.90 -19.54 15.67
C ASN B 256 7.11 -18.88 14.31
N ARG B 257 7.14 -19.70 13.26
CA ARG B 257 7.38 -19.18 11.92
C ARG B 257 6.15 -18.47 11.35
N PHE B 258 4.98 -18.99 11.61
CA PHE B 258 3.76 -18.35 11.17
C PHE B 258 3.62 -17.00 11.83
N ALA B 259 3.86 -16.97 13.15
CA ALA B 259 3.72 -15.76 13.94
C ALA B 259 4.66 -14.68 13.42
N ALA B 260 5.94 -15.04 13.28
CA ALA B 260 6.93 -14.11 12.78
C ALA B 260 6.59 -13.61 11.36
N THR B 261 6.27 -14.53 10.46
CA THR B 261 6.10 -14.19 9.06
C THR B 261 4.74 -13.49 8.75
N MET B 262 3.70 -13.82 9.53
CA MET B 262 2.43 -13.07 9.46
C MET B 262 2.64 -11.66 9.94
N SER B 263 3.33 -11.51 11.09
CA SER B 263 3.62 -10.20 11.65
C SER B 263 4.26 -9.29 10.63
N LYS B 264 5.08 -9.87 9.76
CA LYS B 264 5.82 -9.12 8.77
C LYS B 264 4.94 -8.80 7.58
N MET B 265 3.97 -9.69 7.32
CA MET B 265 3.03 -9.47 6.25
C MET B 265 2.03 -8.40 6.62
N ALA B 266 1.62 -8.41 7.89
CA ALA B 266 0.68 -7.43 8.40
C ALA B 266 1.20 -5.99 8.28
N LEU B 267 2.53 -5.86 8.11
CA LEU B 267 3.18 -4.55 8.07
C LEU B 267 3.75 -4.18 6.69
N LEU B 268 3.31 -4.88 5.66
CA LEU B 268 3.75 -4.59 4.29
C LEU B 268 3.25 -3.23 3.84
N GLY B 269 4.20 -2.36 3.47
CA GLY B 269 3.88 -1.00 3.04
C GLY B 269 3.85 -0.02 4.21
N GLN B 270 4.06 -0.53 5.41
CA GLN B 270 3.89 0.28 6.62
C GLN B 270 5.21 0.69 7.22
N ASP B 271 5.21 1.81 7.95
CA ASP B 271 6.35 2.19 8.79
C ASP B 271 6.06 1.88 10.26
N LYS B 272 6.70 0.82 10.76
CA LYS B 272 6.39 0.29 12.10
C LYS B 272 6.74 1.25 13.22
N THR B 273 7.74 2.09 12.99
CA THR B 273 8.15 3.10 13.97
C THR B 273 7.00 4.03 14.34
N LYS B 274 5.95 4.05 13.52
CA LYS B 274 4.81 4.93 13.76
C LYS B 274 3.57 4.13 14.13
N LEU B 275 3.77 2.88 14.56
CA LEU B 275 2.67 2.05 15.00
C LEU B 275 2.78 1.73 16.49
N ILE B 276 1.67 1.37 17.10
CA ILE B 276 1.67 1.05 18.52
C ILE B 276 1.39 -0.43 18.73
N ASP B 277 2.25 -1.06 19.50
CA ASP B 277 2.17 -2.50 19.74
C ASP B 277 0.99 -2.83 20.63
N CYS B 278 0.06 -3.62 20.10
CA CYS B 278 -1.14 -3.98 20.85
C CYS B 278 -1.35 -5.50 20.90
N SER B 279 -0.24 -6.23 20.97
CA SER B 279 -0.27 -7.67 20.84
C SER B 279 -1.13 -8.34 21.91
N ASP B 280 -1.01 -7.87 23.15
CA ASP B 280 -1.61 -8.57 24.27
C ASP B 280 -3.16 -8.57 24.27
N VAL B 281 -3.77 -7.71 23.44
CA VAL B 281 -5.23 -7.71 23.28
C VAL B 281 -5.73 -9.01 22.63
N ILE B 282 -4.88 -9.66 21.84
CA ILE B 282 -5.22 -10.94 21.19
C ILE B 282 -5.44 -12.06 22.23
N PRO B 283 -6.56 -12.79 22.10
CA PRO B 283 -6.95 -13.88 23.03
C PRO B 283 -5.93 -15.02 23.07
N THR B 284 -5.91 -15.76 24.16
CA THR B 284 -5.00 -16.87 24.31
C THR B 284 -5.50 -18.09 23.55
N PRO B 285 -4.71 -18.55 22.57
CA PRO B 285 -5.06 -19.69 21.73
C PRO B 285 -5.21 -20.95 22.55
N PRO B 286 -6.07 -21.89 22.11
CA PRO B 286 -6.12 -23.21 22.72
C PRO B 286 -4.93 -24.07 22.27
N ALA B 287 -4.50 -24.98 23.12
CA ALA B 287 -3.41 -25.88 22.76
C ALA B 287 -3.82 -26.79 21.59
N LEU B 288 -2.85 -27.48 21.02
CA LEU B 288 -3.11 -28.39 19.94
C LEU B 288 -4.06 -29.48 20.38
N VAL B 289 -4.96 -29.84 19.48
CA VAL B 289 -5.75 -31.02 19.64
C VAL B 289 -5.25 -32.09 18.67
N GLY B 290 -5.20 -33.34 19.14
CA GLY B 290 -4.66 -34.43 18.34
C GLY B 290 -3.16 -34.33 18.13
N ALA B 291 -2.66 -35.11 17.20
CA ALA B 291 -1.23 -35.19 16.96
C ALA B 291 -0.96 -35.72 15.58
N ALA B 292 0.19 -35.40 15.03
CA ALA B 292 0.52 -35.76 13.64
C ALA B 292 0.29 -37.25 13.36
N HIS B 293 -0.28 -37.54 12.21
CA HIS B 293 -0.60 -38.89 11.85
C HIS B 293 -0.80 -38.98 10.33
N LEU B 294 -0.66 -40.18 9.79
CA LEU B 294 -1.22 -40.47 8.48
C LEU B 294 -2.70 -40.81 8.69
N PRO B 295 -3.55 -40.41 7.74
CA PRO B 295 -4.96 -40.74 7.80
C PRO B 295 -5.16 -42.25 7.92
N ALA B 296 -6.36 -42.67 8.27
CA ALA B 296 -6.69 -44.11 8.35
C ALA B 296 -6.55 -44.79 6.97
N GLY B 297 -6.04 -46.02 6.98
CA GLY B 297 -5.86 -46.79 5.72
C GLY B 297 -4.74 -46.24 4.86
N PHE B 298 -3.83 -45.51 5.49
CA PHE B 298 -2.65 -45.04 4.83
C PHE B 298 -1.40 -45.67 5.43
N SER B 299 -0.31 -45.65 4.69
CA SER B 299 0.97 -46.11 5.21
C SER B 299 2.10 -45.18 4.76
N LEU B 300 3.29 -45.40 5.30
CA LEU B 300 4.46 -44.62 4.94
C LEU B 300 4.81 -44.76 3.44
N SER B 301 4.28 -45.80 2.80
CA SER B 301 4.53 -46.00 1.36
C SER B 301 3.61 -45.12 0.52
N ASP B 302 2.71 -44.40 1.19
CA ASP B 302 1.82 -43.47 0.51
C ASP B 302 2.42 -42.08 0.47
N VAL B 303 3.59 -41.94 1.06
CA VAL B 303 4.24 -40.67 1.16
C VAL B 303 5.13 -40.45 -0.05
N GLU B 304 4.90 -39.36 -0.75
CA GLU B 304 5.67 -39.05 -1.95
C GLU B 304 6.86 -38.18 -1.58
N GLN B 305 7.94 -38.80 -1.13
CA GLN B 305 9.10 -38.06 -0.63
C GLN B 305 9.77 -37.23 -1.73
N ALA B 306 10.03 -35.97 -1.40
CA ALA B 306 10.63 -35.06 -2.37
C ALA B 306 11.88 -34.41 -1.79
N CYS B 307 12.15 -34.66 -0.51
CA CYS B 307 13.35 -34.14 0.14
C CYS B 307 14.50 -35.13 0.08
N ALA B 308 15.60 -34.73 -0.54
CA ALA B 308 16.73 -35.62 -0.77
C ALA B 308 17.59 -35.80 0.49
N ALA B 309 17.80 -34.71 1.22
CA ALA B 309 18.77 -34.70 2.32
C ALA B 309 18.19 -35.16 3.64
N THR B 310 16.90 -35.49 3.64
CA THR B 310 16.19 -35.86 4.88
C THR B 310 14.97 -36.70 4.57
N PRO B 311 14.81 -37.82 5.28
CA PRO B 311 13.66 -38.69 5.04
C PRO B 311 12.39 -38.26 5.84
N PHE B 312 11.23 -38.66 5.34
CA PHE B 312 9.95 -38.32 5.96
C PHE B 312 9.82 -38.92 7.37
N PRO B 313 9.34 -38.12 8.34
CA PRO B 313 9.14 -38.59 9.72
C PRO B 313 8.28 -39.88 9.78
N ALA B 314 8.67 -40.82 10.62
CA ALA B 314 8.04 -42.14 10.63
C ALA B 314 6.68 -42.12 11.32
N LEU B 315 5.80 -41.22 10.87
CA LEU B 315 4.44 -41.13 11.42
C LEU B 315 3.75 -42.49 11.42
N THR B 316 2.83 -42.68 12.36
CA THR B 316 1.92 -43.81 12.31
C THR B 316 0.55 -43.34 11.84
N ALA B 317 -0.21 -44.25 11.25
CA ALA B 317 -1.55 -43.90 10.75
C ALA B 317 -2.63 -44.11 11.80
N ASP B 318 -3.71 -43.35 11.70
CA ASP B 318 -4.89 -43.60 12.51
C ASP B 318 -5.44 -45.02 12.27
N PRO B 319 -5.86 -45.70 13.35
CA PRO B 319 -6.41 -47.06 13.23
C PRO B 319 -7.73 -47.08 12.47
N GLY B 320 -8.03 -48.18 11.77
CA GLY B 320 -9.37 -48.41 11.21
C GLY B 320 -9.47 -48.25 9.70
N PRO B 321 -10.71 -48.14 9.19
CA PRO B 321 -10.96 -48.01 7.75
C PRO B 321 -10.59 -46.63 7.24
N VAL B 322 -10.54 -46.46 5.93
CA VAL B 322 -10.33 -45.15 5.34
C VAL B 322 -11.59 -44.33 5.55
N THR B 323 -11.41 -43.08 5.99
CA THR B 323 -12.55 -42.21 6.23
C THR B 323 -12.43 -40.94 5.45
N SER B 324 -13.57 -40.32 5.17
CA SER B 324 -13.60 -39.07 4.46
C SER B 324 -13.54 -37.88 5.40
N VAL B 325 -13.32 -36.70 4.84
CA VAL B 325 -13.21 -35.47 5.63
C VAL B 325 -14.49 -34.66 5.54
N PRO B 326 -15.09 -34.36 6.70
CA PRO B 326 -16.27 -33.50 6.76
C PRO B 326 -15.96 -32.04 6.37
N PRO B 327 -16.93 -31.35 5.76
CA PRO B 327 -16.78 -29.94 5.43
C PRO B 327 -16.81 -29.05 6.65
N VAL B 328 -16.33 -27.83 6.49
CA VAL B 328 -16.53 -26.80 7.47
C VAL B 328 -18.00 -26.39 7.49
N PRO B 329 -18.64 -26.41 8.67
CA PRO B 329 -20.01 -25.87 8.81
C PRO B 329 -20.09 -24.38 8.39
N GLY B 330 -21.20 -24.00 7.75
CA GLY B 330 -21.32 -22.65 7.16
C GLY B 330 -22.78 -22.18 7.02
N SER B 331 -23.07 -21.00 7.57
CA SER B 331 -24.41 -20.37 7.47
C SER B 331 -25.51 -21.34 6.99
C1 BMA C . 12.84 8.45 -25.14
C2 BMA C . 12.37 8.74 -23.73
C3 BMA C . 13.07 7.76 -22.84
C4 BMA C . 12.67 6.34 -23.26
C5 BMA C . 12.75 6.14 -24.78
C6 BMA C . 11.97 4.90 -25.21
O2 BMA C . 10.98 8.46 -23.66
O3 BMA C . 12.66 7.97 -21.51
O4 BMA C . 13.52 5.42 -22.62
O5 BMA C . 12.22 7.25 -25.50
O6 BMA C . 11.69 5.02 -26.60
C1 MAN C . 10.21 9.65 -23.51
C2 MAN C . 9.13 9.46 -22.45
C3 MAN C . 8.21 8.31 -22.84
C4 MAN C . 7.67 8.53 -24.24
C5 MAN C . 8.80 8.87 -25.21
C6 MAN C . 8.25 9.21 -26.60
O2 MAN C . 8.35 10.62 -22.33
O3 MAN C . 7.13 8.22 -21.94
O4 MAN C . 7.03 7.36 -24.68
O5 MAN C . 9.56 9.98 -24.72
O6 MAN C . 9.27 8.97 -27.54
C1 BMA D . -11.21 -40.27 8.69
C2 BMA D . -10.38 -39.01 8.67
C3 BMA D . -8.96 -39.49 8.80
C4 BMA D . -8.80 -40.11 10.17
C5 BMA D . -9.86 -41.21 10.38
C6 BMA D . -9.87 -41.70 11.82
O2 BMA D . -10.69 -38.22 9.82
O3 BMA D . -8.07 -38.41 8.64
O4 BMA D . -7.52 -40.66 10.31
O5 BMA D . -11.17 -40.76 10.02
O6 BMA D . -11.04 -42.44 12.05
C1 MAN D . -11.55 -37.10 9.50
C2 MAN D . -11.08 -35.85 10.21
C3 MAN D . -11.15 -36.07 11.73
C4 MAN D . -12.52 -36.57 12.18
C5 MAN D . -13.11 -37.63 11.25
C6 MAN D . -14.61 -37.77 11.53
O2 MAN D . -11.92 -34.77 9.87
O3 MAN D . -10.86 -34.86 12.40
O4 MAN D . -12.43 -37.11 13.49
O5 MAN D . -12.91 -37.31 9.86
O6 MAN D . -15.07 -39.00 11.01
CHA HEM E . 7.77 22.99 -9.76
CHB HEM E . 11.45 24.02 -6.79
CHC HEM E . 9.52 21.19 -3.41
CHD HEM E . 5.49 20.63 -6.12
C1A HEM E . 8.92 23.51 -9.26
C2A HEM E . 9.78 24.47 -9.93
C3A HEM E . 10.79 24.76 -9.12
C4A HEM E . 10.61 24.00 -7.89
CMA HEM E . 11.97 25.72 -9.43
CAA HEM E . 9.57 25.03 -11.36
CBA HEM E . 8.68 26.27 -11.31
CGA HEM E . 8.62 26.87 -12.69
O1A HEM E . 9.64 27.49 -13.14
O2A HEM E . 7.58 26.70 -13.38
C1B HEM E . 11.26 23.32 -5.63
C2B HEM E . 12.17 23.32 -4.49
C3B HEM E . 11.64 22.54 -3.54
C4B HEM E . 10.37 22.01 -4.06
CMB HEM E . 13.51 24.09 -4.39
CAB HEM E . 12.26 22.25 -2.14
CBB HEM E . 12.64 21.00 -1.80
C1C HEM E . 8.24 20.85 -3.83
C2C HEM E . 7.27 20.16 -3.02
C3C HEM E . 6.16 19.99 -3.73
C4C HEM E . 6.38 20.58 -5.07
CMC HEM E . 7.50 19.70 -1.56
CAC HEM E . 4.86 19.30 -3.23
CBC HEM E . 3.66 19.78 -3.53
C1D HEM E . 5.79 21.09 -7.39
C2D HEM E . 5.07 20.75 -8.62
C3D HEM E . 5.79 21.49 -9.72
C4D HEM E . 6.87 22.20 -9.10
CMD HEM E . 3.85 19.84 -8.79
CAD HEM E . 5.45 21.48 -11.23
CBD HEM E . 4.39 22.51 -11.55
CGD HEM E . 4.07 22.46 -13.02
O1D HEM E . 3.52 23.46 -13.54
O2D HEM E . 4.36 21.41 -13.67
NA HEM E . 9.45 23.26 -8.01
NB HEM E . 10.19 22.51 -5.33
NC HEM E . 7.67 21.08 -5.08
ND HEM E . 6.85 21.95 -7.71
FE HEM E . 8.65 21.97 -6.68
CA CA F . -0.23 30.00 3.13
CA CA G . 6.83 10.73 -13.83
MN MN H . 3.81 25.18 -14.87
C1 NAG I . -21.33 28.84 3.21
C2 NAG I . -22.67 28.65 3.92
C3 NAG I . -22.53 28.93 5.41
C4 NAG I . -21.41 28.06 5.98
C5 NAG I . -20.12 28.27 5.18
C6 NAG I . -18.97 27.39 5.70
C7 NAG I . -24.88 28.99 2.92
C8 NAG I . -26.10 29.26 3.78
N2 NAG I . -23.72 29.49 3.35
O3 NAG I . -23.75 28.64 6.07
O4 NAG I . -21.20 28.37 7.35
O5 NAG I . -20.35 27.99 3.80
O6 NAG I . -19.30 26.02 5.52
O7 NAG I . -24.97 28.31 1.89
C1 MAN J . 20.85 0.53 1.99
C2 MAN J . 20.22 -0.12 3.20
C3 MAN J . 18.77 -0.51 2.90
C4 MAN J . 17.99 0.59 2.15
C5 MAN J . 18.84 1.33 1.11
C6 MAN J . 18.15 2.58 0.61
O2 MAN J . 20.26 0.79 4.26
O3 MAN J . 18.12 -0.80 4.11
O4 MAN J . 16.87 0.02 1.51
O5 MAN J . 20.11 1.68 1.66
O6 MAN J . 18.51 2.81 -0.73
C1 MAN K . 13.16 16.11 -27.88
C2 MAN K . 12.51 17.19 -26.98
C3 MAN K . 11.03 17.39 -27.33
C4 MAN K . 10.77 17.32 -28.84
C5 MAN K . 11.51 16.14 -29.46
C6 MAN K . 11.29 16.03 -30.96
O2 MAN K . 13.20 18.43 -27.07
O3 MAN K . 10.62 18.65 -26.82
O4 MAN K . 9.38 17.17 -29.05
O5 MAN K . 12.88 16.33 -29.22
O6 MAN K . 12.40 15.38 -31.56
C1 MAN L . -12.68 5.56 -6.04
C2 MAN L . -13.16 5.67 -4.59
C3 MAN L . -13.46 4.28 -3.99
C4 MAN L . -14.19 3.34 -4.97
C5 MAN L . -13.67 3.47 -6.39
C6 MAN L . -14.55 2.69 -7.38
O2 MAN L . -14.28 6.50 -4.51
O3 MAN L . -14.20 4.43 -2.80
O4 MAN L . -14.02 2.00 -4.55
O5 MAN L . -13.64 4.83 -6.78
O6 MAN L . -14.21 3.04 -8.71
CHA HEM M . -7.86 -20.10 0.74
CHB HEM M . -4.70 -20.20 -2.94
CHC HEM M . -1.28 -18.26 -0.09
CHD HEM M . -4.40 -18.03 3.59
C1A HEM M . -7.32 -20.28 -0.52
C2A HEM M . -8.01 -20.77 -1.71
C3A HEM M . -7.14 -20.80 -2.71
C4A HEM M . -5.86 -20.33 -2.21
CMA HEM M . -7.42 -21.26 -4.17
CAA HEM M . -9.51 -21.21 -1.78
CBA HEM M . -10.39 -20.05 -2.29
CGA HEM M . -11.81 -20.55 -2.58
O1A HEM M . -11.98 -21.37 -3.53
O2A HEM M . -12.75 -20.15 -1.88
C1B HEM M . -3.49 -19.71 -2.49
C2B HEM M . -2.27 -19.61 -3.25
C3B HEM M . -1.33 -19.08 -2.46
C4B HEM M . -1.93 -18.82 -1.18
CMB HEM M . -2.08 -20.03 -4.72
CAB HEM M . 0.13 -18.78 -2.85
CBB HEM M . 1.12 -19.08 -2.02
C1C HEM M . -1.84 -17.96 1.13
C2C HEM M . -1.21 -17.21 2.19
C3C HEM M . -2.06 -17.14 3.21
C4C HEM M . -3.27 -17.85 2.82
CMC HEM M . 0.21 -16.62 2.13
CAC HEM M . -1.78 -16.42 4.56
CBC HEM M . -2.77 -15.93 5.30
C1D HEM M . -5.58 -18.66 3.20
C2D HEM M . -6.64 -19.04 4.10
C3D HEM M . -7.71 -19.67 3.22
C4D HEM M . -7.20 -19.62 1.86
CMD HEM M . -6.69 -18.85 5.64
CAD HEM M . -9.04 -20.27 3.72
CBD HEM M . -10.24 -19.48 3.23
CGD HEM M . -11.46 -20.19 3.78
O1D HEM M . -12.59 -19.70 3.54
O2D HEM M . -11.29 -21.22 4.48
NA HEM M . -6.01 -20.02 -0.87
NB HEM M . -3.24 -19.23 -1.22
NC HEM M . -3.09 -18.34 1.55
ND HEM M . -5.93 -19.03 1.89
FE HEM M . -4.45 -19.35 0.38
CA CA N . -4.02 -3.78 0.08
CA CA O . -5.31 -28.43 10.22
MN MN P . -14.36 -19.86 2.23
C1 NAG Q . -11.53 7.58 16.45
C2 NAG Q . -10.13 7.26 16.96
C3 NAG Q . -9.17 8.41 16.66
C4 NAG Q . -9.02 8.54 15.14
C5 NAG Q . -10.36 8.25 14.43
C6 NAG Q . -10.42 6.83 13.82
C7 NAG Q . -10.24 7.71 19.40
C8 NAG Q . -9.11 7.74 20.40
N2 NAG Q . -10.11 6.86 18.38
O3 NAG Q . -7.92 8.18 17.27
O4 NAG Q . -8.58 9.83 14.81
O5 NAG Q . -11.48 8.48 15.33
O6 NAG Q . -10.17 6.87 12.43
O7 NAG Q . -11.23 8.42 19.56
C1 MAN R . 16.83 -32.48 5.45
C2 MAN R . 17.97 -31.72 6.14
C3 MAN R . 17.68 -31.49 7.64
C4 MAN R . 16.23 -31.06 7.91
C5 MAN R . 15.24 -31.84 7.06
C6 MAN R . 13.82 -31.30 7.21
O2 MAN R . 18.16 -30.48 5.49
O3 MAN R . 18.56 -30.50 8.16
O4 MAN R . 15.94 -31.30 9.27
O5 MAN R . 15.62 -31.80 5.69
O6 MAN R . 12.99 -31.82 6.18
C1 MAN S . -17.02 -38.35 3.36
C2 MAN S . -17.58 -37.26 4.29
C3 MAN S . -18.60 -37.76 5.35
C4 MAN S . -19.10 -39.20 5.18
C5 MAN S . -18.20 -40.04 4.31
C6 MAN S . -18.81 -41.43 4.02
O2 MAN S . -18.11 -36.15 3.54
O3 MAN S . -19.70 -36.87 5.39
O4 MAN S . -19.19 -39.82 6.45
O5 MAN S . -17.98 -39.33 3.12
O6 MAN S . -18.95 -41.62 2.63
C1 MAN T . -4.84 -15.44 27.28
C2 MAN T . -4.67 -13.93 27.21
C3 MAN T . -3.38 -13.49 27.93
C4 MAN T . -3.22 -14.18 29.29
C5 MAN T . -3.58 -15.66 29.24
C6 MAN T . -3.57 -16.27 30.64
O2 MAN T . -5.78 -13.33 27.81
O3 MAN T . -3.39 -12.08 28.13
O4 MAN T . -1.87 -14.06 29.72
O5 MAN T . -4.85 -15.84 28.64
O6 MAN T . -4.89 -16.62 30.99
#